data_4MS4
#
_entry.id   4MS4
#
_cell.length_a   115.383
_cell.length_b   140.390
_cell.length_c   59.501
_cell.angle_alpha   90.000
_cell.angle_beta   90.000
_cell.angle_gamma   90.000
#
_symmetry.space_group_name_H-M   'P 21 21 2'
#
loop_
_entity.id
_entity.type
_entity.pdbx_description
1 polymer 'Gamma-aminobutyric acid type B receptor subunit 1'
2 polymer 'Gamma-aminobutyric acid type B receptor subunit 2'
3 non-polymer baclofen
4 non-polymer 2-acetamido-2-deoxy-beta-D-glucopyranose
5 water water
#
loop_
_entity_poly.entity_id
_entity_poly.type
_entity_poly.pdbx_seq_one_letter_code
_entity_poly.pdbx_strand_id
1 'polypeptide(L)'
;SERRAVYIGALFPMSGGWPGGQACQPAVEMALEDVNSRRDILPDYELKLIHHDSKCDPGQATKYLYELLYNDPIKIILMP
GCSSVSTLVAEAARMWNLIVLSYGSSSPALSNRQRFPTFFRTHPSATLHNPTRVKLFEKWGWKKIATIQQTTEVFTSTLD
DLEERVKEAGIEITFRQSFFSDPAVPVKNLKRQDARIIVGLFYETEARKVFCEVYKERLFGKKYVWFLIGWYADNWFKIY
DPSINCTVDEMTEAVEGHITTEIVMLNPANTRSISNMTSQEFVEKLTKRLKRHPEETGGFQEAPLAYDAIWALALALNKT
SGGGGRSGVRLEDFNYNNQTITDQIYRAMNSSSFEGVSGHVVFDASGSRMAWTLIEQLQGGSYKKIGYYDSTKDDLSWSK
TDKWIGGSPPADDYKDDDDK
;
A
2 'polypeptide(L)'
;WARGAPRPPPSSPPLSIMGLMPLTKEVAKGSIGRGVLPAVELAIEQIRNESLLRPYFLDLRLYDTECDNAKGLKAFYDAI
KYGPNHLMVFGGVCPSVTSIIAESLQGWNLVQLSFAATTPVLADKKKYPYFFRTVPSDNAVNPAILKLLKHYQWKRVGTL
TQDVQRFSEVRNDLTGVLYGEDIEISDTESFSNDPCTSVKKLKGNDVRIILGQFDQNMAAKVFCCAYEENMYGSKYQWII
PGWYEPSWWEQVHTEANSSRCLRKNLLAAMEGYIGVDFEPLSSKQIKTISGKTPQQYEREYNNKRSGVGPSKFHGYAYDG
IWVIAKTLQRAMETLHASSRHQRIQDFNYTDHTLGRIILNAMNETNFFGVTGQVVFRNGERMGTIKFTQFQDSREVKVGE
YNAVADTLEIINDTIRFQGSEPPKDDYKDDDDK
;
B
#
loop_
_chem_comp.id
_chem_comp.type
_chem_comp.name
_chem_comp.formula
2C0 non-polymer baclofen 'C10 H12 Cl N O2'
NAG D-saccharide, beta linking 2-acetamido-2-deoxy-beta-D-glucopyranose 'C8 H15 N O6'
#
# COMPACT_ATOMS: atom_id res chain seq x y z
N ARG A 3 -30.01 12.04 -30.75
CA ARG A 3 -29.32 12.18 -29.47
C ARG A 3 -28.96 10.79 -28.95
N ARG A 4 -27.80 10.28 -29.37
CA ARG A 4 -27.30 8.98 -28.91
C ARG A 4 -26.83 9.09 -27.47
N ALA A 5 -26.94 8.01 -26.70
CA ALA A 5 -26.47 8.00 -25.32
C ALA A 5 -24.97 7.70 -25.35
N VAL A 6 -24.24 8.40 -24.47
CA VAL A 6 -22.79 8.26 -24.27
C VAL A 6 -22.61 8.18 -22.76
N TYR A 7 -21.92 7.11 -22.27
CA TYR A 7 -21.84 6.80 -20.85
C TYR A 7 -20.50 6.99 -20.16
N ILE A 8 -20.58 7.55 -18.93
CA ILE A 8 -19.43 7.75 -18.06
C ILE A 8 -19.55 6.75 -16.94
N GLY A 9 -18.50 5.97 -16.70
CA GLY A 9 -18.46 5.04 -15.57
C GLY A 9 -17.67 5.75 -14.48
N ALA A 10 -18.36 6.17 -13.41
CA ALA A 10 -17.74 6.97 -12.36
C ALA A 10 -17.77 6.33 -10.98
N LEU A 11 -16.77 6.63 -10.18
CA LEU A 11 -16.71 6.17 -8.79
C LEU A 11 -16.69 7.40 -7.92
N PHE A 12 -17.52 7.39 -6.87
CA PHE A 12 -17.64 8.48 -5.94
C PHE A 12 -17.41 7.98 -4.52
N PRO A 13 -16.45 8.53 -3.78
CA PRO A 13 -16.24 8.06 -2.41
C PRO A 13 -17.20 8.72 -1.41
N MET A 14 -18.26 7.99 -0.96
CA MET A 14 -19.25 8.55 -0.01
C MET A 14 -18.84 8.44 1.45
N SER A 15 -17.77 7.66 1.71
CA SER A 15 -17.14 7.43 3.02
C SER A 15 -15.67 7.05 2.79
N GLY A 16 -14.93 6.72 3.85
CA GLY A 16 -13.52 6.32 3.75
C GLY A 16 -12.53 7.47 3.89
N GLY A 17 -11.28 7.25 3.44
CA GLY A 17 -10.19 8.23 3.54
C GLY A 17 -10.60 9.67 3.26
N TRP A 18 -11.14 9.89 2.07
CA TRP A 18 -11.66 11.18 1.64
C TRP A 18 -13.10 10.95 1.15
N PRO A 19 -14.11 11.40 1.92
CA PRO A 19 -15.52 11.20 1.51
C PRO A 19 -16.00 12.26 0.52
N GLY A 20 -15.18 12.49 -0.50
CA GLY A 20 -15.41 13.51 -1.52
C GLY A 20 -16.66 13.43 -2.37
N GLY A 21 -17.19 12.22 -2.54
CA GLY A 21 -18.37 11.99 -3.37
C GLY A 21 -19.61 12.70 -2.87
N GLN A 22 -19.72 12.94 -1.55
CA GLN A 22 -20.86 13.61 -0.93
C GLN A 22 -21.23 14.92 -1.63
N ALA A 23 -20.25 15.75 -2.03
CA ALA A 23 -20.53 16.98 -2.79
C ALA A 23 -20.17 16.86 -4.25
N CYS A 24 -19.17 16.00 -4.60
CA CYS A 24 -18.73 15.85 -5.99
C CYS A 24 -19.75 15.14 -6.87
N GLN A 25 -20.55 14.21 -6.31
CA GLN A 25 -21.59 13.55 -7.12
C GLN A 25 -22.65 14.59 -7.53
N PRO A 26 -23.26 15.38 -6.59
CA PRO A 26 -24.19 16.44 -7.02
C PRO A 26 -23.56 17.49 -7.95
N ALA A 27 -22.24 17.79 -7.77
CA ALA A 27 -21.53 18.75 -8.63
C ALA A 27 -21.43 18.19 -10.04
N VAL A 28 -21.19 16.88 -10.18
CA VAL A 28 -21.11 16.20 -11.48
C VAL A 28 -22.51 16.21 -12.18
N GLU A 29 -23.58 15.97 -11.40
CA GLU A 29 -24.98 15.91 -11.87
C GLU A 29 -25.43 17.31 -12.35
N MET A 30 -24.96 18.36 -11.64
CA MET A 30 -25.24 19.75 -11.99
C MET A 30 -24.56 20.04 -13.32
N ALA A 31 -23.29 19.61 -13.47
CA ALA A 31 -22.53 19.81 -14.70
C ALA A 31 -23.13 19.06 -15.88
N LEU A 32 -23.55 17.81 -15.68
CA LEU A 32 -24.17 17.02 -16.77
C LEU A 32 -25.46 17.65 -17.31
N GLU A 33 -26.32 18.15 -16.42
CA GLU A 33 -27.55 18.87 -16.79
C GLU A 33 -27.19 20.06 -17.70
N ASP A 34 -26.19 20.88 -17.26
CA ASP A 34 -25.74 22.08 -17.97
C ASP A 34 -25.13 21.78 -19.33
N VAL A 35 -24.30 20.73 -19.41
CA VAL A 35 -23.63 20.31 -20.65
C VAL A 35 -24.67 19.74 -21.66
N ASN A 36 -25.61 18.93 -21.17
CA ASN A 36 -26.68 18.32 -21.97
C ASN A 36 -27.63 19.40 -22.53
N SER A 37 -28.12 20.32 -21.67
CA SER A 37 -29.02 21.42 -22.08
C SER A 37 -28.32 22.53 -22.92
N ARG A 38 -27.08 22.28 -23.37
CA ARG A 38 -26.30 23.17 -24.23
C ARG A 38 -26.29 22.57 -25.62
N ARG A 39 -26.96 23.23 -26.55
CA ARG A 39 -27.08 22.77 -27.93
C ARG A 39 -25.80 22.85 -28.73
N ASP A 40 -24.99 23.87 -28.45
CA ASP A 40 -23.71 24.15 -29.11
C ASP A 40 -22.56 23.19 -28.75
N ILE A 41 -22.72 22.35 -27.70
CA ILE A 41 -21.64 21.46 -27.26
C ILE A 41 -21.76 20.08 -27.92
N LEU A 42 -22.60 19.17 -27.42
CA LEU A 42 -22.75 17.86 -28.05
C LEU A 42 -24.21 17.78 -28.51
N PRO A 43 -24.55 18.37 -29.69
CA PRO A 43 -25.96 18.36 -30.12
C PRO A 43 -26.50 16.96 -30.41
N ASP A 44 -25.67 16.11 -31.02
CA ASP A 44 -25.99 14.75 -31.46
C ASP A 44 -25.73 13.65 -30.40
N TYR A 45 -25.41 14.03 -29.13
CA TYR A 45 -25.16 13.06 -28.06
C TYR A 45 -25.69 13.52 -26.71
N GLU A 46 -26.03 12.58 -25.82
CA GLU A 46 -26.49 12.83 -24.46
C GLU A 46 -25.54 12.12 -23.47
N LEU A 47 -24.90 12.90 -22.58
CA LEU A 47 -23.95 12.39 -21.60
C LEU A 47 -24.69 11.83 -20.40
N LYS A 48 -24.49 10.53 -20.12
CA LYS A 48 -25.18 9.80 -19.06
C LYS A 48 -24.19 9.25 -18.04
N LEU A 49 -24.61 9.23 -16.76
CA LEU A 49 -23.80 8.78 -15.64
C LEU A 49 -24.19 7.42 -15.07
N ILE A 50 -23.20 6.51 -14.99
CA ILE A 50 -23.36 5.22 -14.33
C ILE A 50 -22.34 5.29 -13.20
N HIS A 51 -22.82 5.30 -11.96
CA HIS A 51 -21.97 5.48 -10.79
C HIS A 51 -22.16 4.46 -9.67
N HIS A 52 -21.11 4.37 -8.82
CA HIS A 52 -21.09 3.52 -7.65
C HIS A 52 -20.31 4.22 -6.53
N ASP A 53 -20.57 3.83 -5.28
CA ASP A 53 -19.87 4.33 -4.11
C ASP A 53 -18.63 3.47 -3.92
N SER A 54 -17.43 4.06 -4.10
CA SER A 54 -16.17 3.33 -3.92
C SER A 54 -15.82 3.18 -2.46
N LYS A 55 -16.40 4.04 -1.57
CA LYS A 55 -16.07 4.12 -0.15
C LYS A 55 -14.55 4.47 0.01
N CYS A 56 -13.96 5.10 -1.04
CA CYS A 56 -12.53 5.44 -1.06
C CYS A 56 -11.70 4.16 -0.76
N ASP A 57 -12.17 3.03 -1.34
CA ASP A 57 -11.59 1.71 -1.08
C ASP A 57 -11.29 0.96 -2.37
N PRO A 58 -9.99 0.69 -2.64
CA PRO A 58 -9.64 -0.02 -3.89
C PRO A 58 -10.26 -1.42 -4.01
N GLY A 59 -10.44 -2.11 -2.89
CA GLY A 59 -11.09 -3.42 -2.84
C GLY A 59 -12.52 -3.39 -3.33
N GLN A 60 -13.30 -2.41 -2.83
CA GLN A 60 -14.70 -2.19 -3.22
C GLN A 60 -14.75 -1.63 -4.64
N ALA A 61 -13.78 -0.74 -5.03
CA ALA A 61 -13.76 -0.17 -6.39
C ALA A 61 -13.49 -1.26 -7.42
N THR A 62 -12.71 -2.30 -7.05
CA THR A 62 -12.35 -3.41 -7.96
C THR A 62 -13.62 -4.15 -8.38
N LYS A 63 -14.56 -4.33 -7.43
CA LYS A 63 -15.83 -4.99 -7.76
C LYS A 63 -16.63 -4.13 -8.72
N TYR A 64 -16.74 -2.83 -8.45
CA TYR A 64 -17.49 -1.91 -9.32
C TYR A 64 -16.82 -1.67 -10.67
N LEU A 65 -15.49 -1.75 -10.74
CA LEU A 65 -14.79 -1.60 -12.01
C LEU A 65 -15.14 -2.79 -12.88
N TYR A 66 -15.18 -3.99 -12.28
CA TYR A 66 -15.60 -5.19 -13.02
C TYR A 66 -17.01 -5.00 -13.64
N GLU A 67 -17.98 -4.53 -12.84
CA GLU A 67 -19.36 -4.32 -13.25
C GLU A 67 -19.45 -3.27 -14.36
N LEU A 68 -18.62 -2.22 -14.28
CA LEU A 68 -18.62 -1.17 -15.30
C LEU A 68 -18.07 -1.67 -16.62
N LEU A 69 -17.01 -2.50 -16.58
CA LEU A 69 -16.34 -2.98 -17.78
C LEU A 69 -16.97 -4.17 -18.46
N TYR A 70 -17.55 -5.08 -17.67
CA TYR A 70 -18.08 -6.36 -18.14
C TYR A 70 -19.60 -6.40 -18.28
N ASN A 71 -20.25 -5.24 -18.21
CA ASN A 71 -21.68 -5.09 -18.42
C ASN A 71 -21.91 -3.96 -19.40
N ASP A 72 -22.90 -4.15 -20.29
CA ASP A 72 -23.32 -3.13 -21.26
C ASP A 72 -24.07 -2.07 -20.45
N PRO A 73 -24.07 -0.80 -20.88
CA PRO A 73 -23.48 -0.24 -22.10
C PRO A 73 -21.98 -0.01 -22.01
N ILE A 74 -21.32 0.12 -23.16
CA ILE A 74 -19.90 0.45 -23.19
C ILE A 74 -19.72 1.90 -22.66
N LYS A 75 -18.68 2.11 -21.83
CA LYS A 75 -18.36 3.44 -21.26
C LYS A 75 -17.21 4.04 -22.08
N ILE A 76 -17.27 5.35 -22.40
CA ILE A 76 -16.19 6.00 -23.16
C ILE A 76 -15.09 6.49 -22.25
N ILE A 77 -15.42 6.72 -20.97
CA ILE A 77 -14.47 7.26 -20.00
C ILE A 77 -14.80 6.73 -18.60
N LEU A 78 -13.77 6.64 -17.75
CA LEU A 78 -13.88 6.27 -16.34
C LEU A 78 -13.56 7.50 -15.49
N MET A 79 -14.36 7.77 -14.46
CA MET A 79 -14.17 8.92 -13.60
C MET A 79 -14.05 8.56 -12.09
N PRO A 80 -12.81 8.24 -11.60
CA PRO A 80 -12.63 7.93 -10.18
C PRO A 80 -12.32 9.18 -9.35
N GLY A 81 -12.49 9.08 -8.04
CA GLY A 81 -12.24 10.18 -7.11
C GLY A 81 -10.93 10.14 -6.36
N CYS A 82 -10.84 9.32 -5.30
CA CYS A 82 -9.70 9.11 -4.38
C CYS A 82 -8.43 8.74 -5.15
N SER A 83 -7.26 9.05 -4.57
CA SER A 83 -5.97 8.69 -5.15
C SER A 83 -5.80 7.16 -5.29
N SER A 84 -6.16 6.38 -4.24
CA SER A 84 -5.96 4.92 -4.27
C SER A 84 -6.83 4.27 -5.36
N VAL A 85 -8.07 4.73 -5.48
CA VAL A 85 -9.01 4.23 -6.49
C VAL A 85 -8.56 4.69 -7.90
N SER A 86 -8.15 5.97 -8.04
CA SER A 86 -7.66 6.45 -9.34
C SER A 86 -6.40 5.76 -9.79
N THR A 87 -5.51 5.42 -8.85
CA THR A 87 -4.26 4.73 -9.19
C THR A 87 -4.57 3.33 -9.73
N LEU A 88 -5.49 2.64 -9.06
CA LEU A 88 -5.92 1.32 -9.53
C LEU A 88 -6.61 1.40 -10.90
N VAL A 89 -7.60 2.29 -11.08
CA VAL A 89 -8.29 2.28 -12.38
C VAL A 89 -7.40 2.85 -13.49
N ALA A 90 -6.53 3.83 -13.20
CA ALA A 90 -5.64 4.39 -14.24
C ALA A 90 -4.57 3.42 -14.67
N GLU A 91 -4.07 2.56 -13.75
CA GLU A 91 -3.08 1.54 -14.09
C GLU A 91 -3.72 0.48 -14.98
N ALA A 92 -4.96 0.09 -14.64
CA ALA A 92 -5.67 -0.98 -15.35
C ALA A 92 -6.28 -0.57 -16.70
N ALA A 93 -6.69 0.71 -16.84
CA ALA A 93 -7.43 1.21 -18.00
C ALA A 93 -6.82 0.95 -19.35
N ARG A 94 -5.48 0.87 -19.47
CA ARG A 94 -4.83 0.60 -20.78
C ARG A 94 -5.33 -0.71 -21.42
N MET A 95 -5.68 -1.71 -20.58
CA MET A 95 -6.20 -3.02 -21.00
C MET A 95 -7.54 -2.88 -21.71
N TRP A 96 -8.26 -1.78 -21.46
CA TRP A 96 -9.54 -1.53 -22.10
C TRP A 96 -9.51 -0.26 -22.97
N ASN A 97 -8.30 0.28 -23.26
CA ASN A 97 -8.07 1.50 -24.07
C ASN A 97 -9.03 2.61 -23.64
N LEU A 98 -9.14 2.80 -22.31
CA LEU A 98 -10.06 3.77 -21.74
C LEU A 98 -9.35 4.95 -21.15
N ILE A 99 -9.87 6.14 -21.40
CA ILE A 99 -9.38 7.38 -20.81
C ILE A 99 -9.93 7.37 -19.37
N VAL A 100 -9.11 7.85 -18.42
CA VAL A 100 -9.47 7.96 -17.02
C VAL A 100 -9.38 9.46 -16.67
N LEU A 101 -10.44 10.03 -16.12
CA LEU A 101 -10.41 11.44 -15.73
C LEU A 101 -10.79 11.57 -14.27
N SER A 102 -9.82 11.94 -13.42
CA SER A 102 -10.14 12.08 -12.00
C SER A 102 -10.44 13.55 -11.59
N TYR A 103 -11.44 13.75 -10.76
CA TYR A 103 -11.80 15.05 -10.23
C TYR A 103 -11.20 15.26 -8.84
N GLY A 104 -10.69 14.20 -8.20
CA GLY A 104 -10.23 14.31 -6.83
C GLY A 104 -8.84 13.83 -6.46
N SER A 105 -8.14 13.12 -7.34
CA SER A 105 -6.87 12.47 -7.02
C SER A 105 -5.65 13.41 -6.99
N SER A 106 -5.03 13.56 -5.84
CA SER A 106 -3.87 14.44 -5.68
C SER A 106 -2.52 13.70 -5.78
N SER A 107 -2.52 12.35 -5.85
CA SER A 107 -1.27 11.60 -5.84
C SER A 107 -0.25 12.09 -6.85
N PRO A 108 0.92 12.59 -6.38
CA PRO A 108 1.97 13.00 -7.33
C PRO A 108 2.38 11.89 -8.29
N ALA A 109 2.34 10.59 -7.86
CA ALA A 109 2.73 9.46 -8.72
C ALA A 109 1.85 9.37 -9.98
N LEU A 110 0.62 9.91 -9.93
CA LEU A 110 -0.28 9.89 -11.09
C LEU A 110 0.22 10.78 -12.27
N SER A 111 1.25 11.59 -12.05
CA SER A 111 1.85 12.41 -13.11
C SER A 111 2.77 11.54 -14.05
N ASN A 112 3.02 10.27 -13.68
CA ASN A 112 3.84 9.33 -14.45
C ASN A 112 3.05 8.80 -15.66
N ARG A 113 3.34 9.39 -16.83
CA ARG A 113 2.69 9.08 -18.09
C ARG A 113 2.99 7.68 -18.63
N GLN A 114 4.14 7.08 -18.26
CA GLN A 114 4.50 5.71 -18.66
C GLN A 114 3.59 4.73 -17.93
N ARG A 115 3.36 4.97 -16.64
CA ARG A 115 2.54 4.13 -15.80
C ARG A 115 1.03 4.35 -15.99
N PHE A 116 0.60 5.60 -16.23
CA PHE A 116 -0.80 6.03 -16.37
C PHE A 116 -0.97 6.79 -17.70
N PRO A 117 -0.82 6.05 -18.84
CA PRO A 117 -0.83 6.70 -20.16
C PRO A 117 -2.13 7.27 -20.68
N THR A 118 -3.29 6.96 -20.05
CA THR A 118 -4.60 7.53 -20.54
C THR A 118 -5.27 8.40 -19.49
N PHE A 119 -4.50 8.85 -18.49
CA PHE A 119 -5.00 9.56 -17.32
C PHE A 119 -4.96 11.08 -17.39
N PHE A 120 -6.02 11.72 -16.91
CA PHE A 120 -6.12 13.18 -16.78
C PHE A 120 -6.76 13.47 -15.44
N ARG A 121 -6.52 14.67 -14.92
CA ARG A 121 -7.15 15.08 -13.67
C ARG A 121 -7.36 16.57 -13.63
N THR A 122 -8.43 17.02 -12.99
CA THR A 122 -8.67 18.43 -12.76
C THR A 122 -8.12 18.82 -11.40
N HIS A 123 -7.86 17.82 -10.52
CA HIS A 123 -7.30 18.08 -9.20
C HIS A 123 -5.79 18.33 -9.35
N PRO A 124 -5.22 19.37 -8.74
CA PRO A 124 -3.76 19.55 -8.84
C PRO A 124 -2.95 18.44 -8.15
N SER A 125 -1.69 18.29 -8.52
CA SER A 125 -0.82 17.33 -7.82
C SER A 125 -0.54 17.86 -6.37
N ALA A 126 -0.45 16.95 -5.38
CA ALA A 126 -0.17 17.29 -3.99
C ALA A 126 1.23 17.95 -3.86
N THR A 127 2.09 17.84 -4.91
CA THR A 127 3.41 18.50 -4.92
C THR A 127 3.26 20.00 -4.69
N LEU A 128 2.10 20.59 -5.01
CA LEU A 128 1.86 22.01 -4.79
C LEU A 128 1.99 22.44 -3.31
N HIS A 129 1.73 21.53 -2.36
CA HIS A 129 1.91 21.86 -0.94
C HIS A 129 3.37 22.11 -0.59
N ASN A 130 4.30 21.44 -1.30
CA ASN A 130 5.72 21.43 -0.90
C ASN A 130 6.43 22.76 -1.06
N PRO A 131 6.31 23.56 -2.15
CA PRO A 131 6.96 24.89 -2.15
C PRO A 131 6.40 25.80 -1.04
N THR A 132 5.12 25.62 -0.67
CA THR A 132 4.53 26.43 0.42
C THR A 132 5.15 26.02 1.75
N ARG A 133 5.31 24.69 1.97
CA ARG A 133 5.95 24.23 3.22
C ARG A 133 7.38 24.80 3.32
N VAL A 134 8.13 24.73 2.21
CA VAL A 134 9.51 25.24 2.16
C VAL A 134 9.55 26.76 2.43
N LYS A 135 8.63 27.51 1.83
CA LYS A 135 8.54 28.98 2.03
C LYS A 135 8.36 29.29 3.51
N LEU A 136 7.47 28.54 4.20
CA LEU A 136 7.22 28.72 5.64
C LEU A 136 8.41 28.29 6.51
N PHE A 137 9.09 27.21 6.15
CA PHE A 137 10.30 26.77 6.88
C PHE A 137 11.38 27.90 6.81
N GLU A 138 11.50 28.51 5.63
CA GLU A 138 12.45 29.62 5.45
C GLU A 138 12.03 30.82 6.24
N LYS A 139 10.70 31.13 6.23
CA LYS A 139 10.17 32.28 6.96
C LYS A 139 10.48 32.14 8.46
N TRP A 140 10.26 30.94 8.97
CA TRP A 140 10.40 30.68 10.39
C TRP A 140 11.81 30.16 10.75
N GLY A 141 12.73 30.15 9.77
CA GLY A 141 14.15 29.82 9.96
C GLY A 141 14.50 28.38 10.32
N TRP A 142 13.67 27.43 9.89
CA TRP A 142 13.91 26.03 10.23
C TRP A 142 14.68 25.31 9.13
N LYS A 143 15.77 24.58 9.50
CA LYS A 143 16.56 23.77 8.54
C LYS A 143 16.53 22.28 8.88
N LYS A 144 15.82 21.90 9.95
CA LYS A 144 15.71 20.51 10.41
C LYS A 144 14.22 20.19 10.60
N ILE A 145 13.71 19.23 9.83
CA ILE A 145 12.30 18.84 9.84
C ILE A 145 12.20 17.32 10.01
N ALA A 146 11.09 16.86 10.62
CA ALA A 146 10.82 15.43 10.72
C ALA A 146 9.59 15.15 9.89
N THR A 147 9.42 13.90 9.43
CA THR A 147 8.22 13.56 8.69
C THR A 147 7.59 12.28 9.23
N ILE A 148 6.26 12.22 9.17
CA ILE A 148 5.51 11.03 9.53
C ILE A 148 4.44 10.88 8.46
N GLN A 149 4.36 9.71 7.84
CA GLN A 149 3.39 9.49 6.80
C GLN A 149 2.67 8.16 6.96
N GLN A 150 1.44 8.10 6.50
CA GLN A 150 0.71 6.84 6.39
C GLN A 150 1.11 6.38 4.97
N THR A 151 1.30 5.07 4.75
CA THR A 151 1.90 4.56 3.53
C THR A 151 0.96 4.32 2.32
N THR A 152 0.06 5.27 2.02
CA THR A 152 -0.68 5.20 0.76
C THR A 152 0.24 5.96 -0.19
N GLU A 153 0.34 5.56 -1.46
CA GLU A 153 1.29 6.16 -2.41
C GLU A 153 1.10 7.69 -2.59
N VAL A 154 -0.14 8.19 -2.43
CA VAL A 154 -0.39 9.64 -2.46
C VAL A 154 0.59 10.40 -1.50
N PHE A 155 0.75 9.89 -0.28
CA PHE A 155 1.59 10.50 0.74
C PHE A 155 3.06 10.21 0.51
N THR A 156 3.41 8.94 0.24
CA THR A 156 4.82 8.58 0.01
C THR A 156 5.43 9.34 -1.18
N SER A 157 4.66 9.50 -2.26
CA SER A 157 5.13 10.24 -3.43
C SER A 157 5.18 11.77 -3.16
N THR A 158 4.31 12.29 -2.25
CA THR A 158 4.38 13.70 -1.82
C THR A 158 5.68 13.90 -1.04
N LEU A 159 6.02 12.97 -0.13
CA LEU A 159 7.24 13.07 0.65
C LEU A 159 8.49 12.92 -0.25
N ASP A 160 8.46 12.05 -1.26
CA ASP A 160 9.56 11.96 -2.23
C ASP A 160 9.83 13.35 -2.89
N ASP A 161 8.77 14.05 -3.28
CA ASP A 161 8.89 15.39 -3.85
C ASP A 161 9.42 16.38 -2.77
N LEU A 162 8.88 16.33 -1.54
CA LEU A 162 9.33 17.24 -0.48
C LEU A 162 10.83 17.09 -0.22
N GLU A 163 11.34 15.86 -0.21
CA GLU A 163 12.76 15.58 0.00
C GLU A 163 13.61 16.31 -1.02
N GLU A 164 13.18 16.39 -2.29
CA GLU A 164 13.89 17.08 -3.34
C GLU A 164 13.89 18.59 -3.10
N ARG A 165 12.71 19.16 -2.75
CA ARG A 165 12.53 20.59 -2.50
C ARG A 165 13.28 21.06 -1.26
N VAL A 166 13.30 20.28 -0.18
CA VAL A 166 14.05 20.69 1.02
C VAL A 166 15.57 20.70 0.71
N LYS A 167 16.05 19.67 -0.02
CA LYS A 167 17.50 19.51 -0.37
C LYS A 167 17.97 20.72 -1.15
N GLU A 168 17.13 21.20 -2.08
CA GLU A 168 17.36 22.37 -2.91
C GLU A 168 17.47 23.64 -2.07
N ALA A 169 16.64 23.75 -1.01
CA ALA A 169 16.62 24.93 -0.13
C ALA A 169 17.63 24.89 1.02
N GLY A 170 18.44 23.84 1.11
CA GLY A 170 19.43 23.65 2.17
C GLY A 170 18.78 23.26 3.48
N ILE A 171 17.67 22.50 3.42
CA ILE A 171 16.90 22.06 4.59
C ILE A 171 17.01 20.56 4.65
N GLU A 172 17.16 19.99 5.86
CA GLU A 172 17.26 18.53 5.96
C GLU A 172 16.06 17.91 6.64
N ILE A 173 15.68 16.70 6.18
CA ILE A 173 14.70 15.86 6.84
C ILE A 173 15.61 15.03 7.75
N THR A 174 15.58 15.30 9.05
CA THR A 174 16.49 14.61 9.98
C THR A 174 15.92 13.32 10.57
N PHE A 175 14.61 13.07 10.39
CA PHE A 175 13.94 11.88 10.90
C PHE A 175 12.68 11.60 10.10
N ARG A 176 12.45 10.31 9.76
CA ARG A 176 11.29 9.86 8.98
C ARG A 176 10.70 8.65 9.68
N GLN A 177 9.38 8.58 9.69
CA GLN A 177 8.65 7.45 10.25
C GLN A 177 7.45 7.26 9.37
N SER A 178 6.99 6.02 9.26
CA SER A 178 5.86 5.64 8.41
C SER A 178 5.08 4.57 9.12
N PHE A 179 3.79 4.46 8.78
CA PHE A 179 2.92 3.45 9.35
C PHE A 179 1.86 3.12 8.35
N PHE A 180 1.31 1.91 8.42
CA PHE A 180 0.23 1.49 7.54
C PHE A 180 -1.10 1.87 8.19
N SER A 181 -1.30 1.47 9.46
CA SER A 181 -2.55 1.79 10.15
C SER A 181 -2.36 2.31 11.59
N ASP A 182 -1.34 1.80 12.28
CA ASP A 182 -1.06 2.16 13.68
C ASP A 182 0.14 3.09 13.83
N PRO A 183 -0.09 4.37 14.21
CA PRO A 183 1.03 5.33 14.35
C PRO A 183 1.75 5.34 15.71
N ALA A 184 1.33 4.43 16.63
CA ALA A 184 1.90 4.34 17.98
C ALA A 184 3.44 4.38 18.03
N VAL A 185 4.15 3.47 17.28
CA VAL A 185 5.61 3.41 17.25
C VAL A 185 6.23 4.66 16.59
N PRO A 186 5.79 5.09 15.37
CA PRO A 186 6.32 6.34 14.79
C PRO A 186 6.25 7.55 15.73
N VAL A 187 5.12 7.76 16.43
CA VAL A 187 4.95 8.92 17.32
C VAL A 187 5.88 8.79 18.53
N LYS A 188 5.99 7.58 19.13
CA LYS A 188 6.92 7.37 20.26
C LYS A 188 8.32 7.70 19.83
N ASN A 189 8.74 7.23 18.63
CA ASN A 189 10.08 7.52 18.08
C ASN A 189 10.31 8.99 17.80
N LEU A 190 9.28 9.74 17.35
CA LEU A 190 9.48 11.19 17.13
C LEU A 190 9.77 11.90 18.46
N LYS A 191 9.11 11.43 19.53
CA LYS A 191 9.29 12.01 20.86
C LYS A 191 10.69 11.75 21.38
N ARG A 192 11.14 10.48 21.29
CA ARG A 192 12.48 10.07 21.72
C ARG A 192 13.60 10.74 20.92
N GLN A 193 13.38 11.07 19.62
CA GLN A 193 14.38 11.74 18.78
C GLN A 193 14.44 13.26 19.00
N ASP A 194 13.52 13.78 19.82
CA ASP A 194 13.39 15.23 20.12
C ASP A 194 13.10 16.03 18.82
N ALA A 195 12.25 15.46 17.95
CA ALA A 195 11.83 16.14 16.71
C ALA A 195 10.98 17.36 17.14
N ARG A 196 11.08 18.49 16.40
CA ARG A 196 10.37 19.72 16.76
C ARG A 196 9.39 20.12 15.70
N ILE A 197 9.86 20.24 14.45
CA ILE A 197 9.03 20.63 13.31
C ILE A 197 8.68 19.37 12.56
N ILE A 198 7.41 19.08 12.46
CA ILE A 198 6.97 17.80 11.90
C ILE A 198 5.89 17.94 10.84
N VAL A 199 6.13 17.31 9.71
CA VAL A 199 5.17 17.24 8.61
C VAL A 199 4.49 15.87 8.72
N GLY A 200 3.18 15.87 8.85
CA GLY A 200 2.40 14.63 8.96
C GLY A 200 1.46 14.49 7.79
N LEU A 201 1.63 13.41 6.97
CA LEU A 201 0.81 13.19 5.77
C LEU A 201 -0.06 11.95 5.91
N PHE A 202 -1.39 12.16 6.04
CA PHE A 202 -2.35 11.05 6.23
C PHE A 202 -3.77 11.56 6.03
N TYR A 203 -4.71 10.63 5.84
CA TYR A 203 -6.12 11.03 5.73
C TYR A 203 -6.65 11.35 7.11
N GLU A 204 -7.81 12.02 7.17
CA GLU A 204 -8.46 12.43 8.41
C GLU A 204 -8.60 11.30 9.42
N THR A 205 -9.06 10.09 8.99
CA THR A 205 -9.21 8.96 9.93
C THR A 205 -7.90 8.67 10.67
N GLU A 206 -6.77 8.60 9.93
CA GLU A 206 -5.48 8.31 10.55
C GLU A 206 -4.98 9.49 11.34
N ALA A 207 -5.37 10.72 10.96
CA ALA A 207 -4.98 11.93 11.72
C ALA A 207 -5.45 11.84 13.18
N ARG A 208 -6.66 11.33 13.43
CA ARG A 208 -7.17 11.14 14.80
C ARG A 208 -6.33 10.15 15.57
N LYS A 209 -5.92 9.04 14.93
CA LYS A 209 -5.06 8.05 15.57
C LYS A 209 -3.71 8.66 15.90
N VAL A 210 -3.16 9.44 14.95
CA VAL A 210 -1.86 10.12 15.16
C VAL A 210 -1.94 11.06 16.37
N PHE A 211 -2.96 11.95 16.41
CA PHE A 211 -3.02 12.97 17.47
C PHE A 211 -3.44 12.43 18.83
N CYS A 212 -4.06 11.23 18.86
CA CYS A 212 -4.29 10.61 20.17
C CYS A 212 -2.94 10.15 20.73
N GLU A 213 -2.05 9.57 19.85
CA GLU A 213 -0.69 9.19 20.24
C GLU A 213 0.14 10.42 20.60
N VAL A 214 -0.05 11.55 19.87
CA VAL A 214 0.60 12.85 20.13
C VAL A 214 0.23 13.33 21.54
N TYR A 215 -1.06 13.23 21.90
CA TYR A 215 -1.48 13.60 23.26
C TYR A 215 -0.78 12.72 24.29
N LYS A 216 -0.86 11.39 24.12
CA LYS A 216 -0.25 10.42 25.06
C LYS A 216 1.25 10.63 25.26
N GLU A 217 1.98 10.94 24.16
CA GLU A 217 3.42 11.15 24.19
C GLU A 217 3.79 12.59 24.54
N ARG A 218 2.80 13.48 24.70
CA ARG A 218 3.03 14.91 24.98
C ARG A 218 3.88 15.53 23.86
N LEU A 219 3.61 15.14 22.60
CA LEU A 219 4.34 15.66 21.44
C LEU A 219 3.59 16.87 20.86
N PHE A 220 3.25 17.82 21.75
CA PHE A 220 2.52 19.04 21.46
C PHE A 220 2.86 20.05 22.52
N GLY A 221 2.68 21.29 22.20
CA GLY A 221 3.03 22.37 23.11
C GLY A 221 3.97 23.35 22.45
N LYS A 222 4.52 24.25 23.28
CA LYS A 222 5.33 25.35 22.80
C LYS A 222 6.46 24.91 21.84
N LYS A 223 7.17 23.83 22.13
CA LYS A 223 8.30 23.57 21.23
C LYS A 223 7.99 22.72 19.97
N TYR A 224 6.73 22.34 19.75
CA TYR A 224 6.38 21.48 18.63
C TYR A 224 5.48 22.14 17.61
N VAL A 225 5.81 21.96 16.34
CA VAL A 225 4.97 22.53 15.28
C VAL A 225 4.61 21.45 14.30
N TRP A 226 3.31 21.17 14.16
CA TRP A 226 2.80 20.19 13.21
C TRP A 226 2.30 20.85 11.96
N PHE A 227 2.69 20.31 10.80
CA PHE A 227 2.20 20.74 9.47
C PHE A 227 1.36 19.59 8.91
N LEU A 228 0.08 19.88 8.63
CA LEU A 228 -0.84 18.85 8.11
C LEU A 228 -1.49 19.28 6.82
N ILE A 229 -2.20 18.35 6.17
CA ILE A 229 -2.95 18.64 4.95
C ILE A 229 -4.30 19.26 5.40
N GLY A 230 -4.70 20.38 4.77
CA GLY A 230 -5.90 21.11 5.13
C GLY A 230 -7.22 20.60 4.57
N TRP A 231 -7.30 19.33 4.15
CA TRP A 231 -8.54 18.83 3.54
C TRP A 231 -9.53 18.20 4.52
N TYR A 232 -9.23 18.16 5.82
CA TYR A 232 -10.09 17.52 6.80
C TYR A 232 -11.30 18.40 7.12
N ALA A 233 -12.33 17.79 7.76
CA ALA A 233 -13.50 18.54 8.25
C ALA A 233 -12.94 19.48 9.31
N ASP A 234 -13.52 20.68 9.48
CA ASP A 234 -13.07 21.66 10.46
C ASP A 234 -13.07 21.16 11.90
N ASN A 235 -13.97 20.22 12.24
CA ASN A 235 -14.06 19.68 13.59
C ASN A 235 -13.49 18.27 13.66
N TRP A 236 -12.57 17.89 12.74
CA TRP A 236 -12.03 16.52 12.64
C TRP A 236 -11.52 15.92 13.94
N PHE A 237 -10.80 16.69 14.76
CA PHE A 237 -10.22 16.22 16.02
C PHE A 237 -11.29 16.11 17.14
N LYS A 238 -12.53 16.63 16.90
CA LYS A 238 -13.64 16.63 17.90
C LYS A 238 -14.62 15.46 17.75
N ILE A 239 -14.47 14.66 16.68
CA ILE A 239 -15.36 13.54 16.31
C ILE A 239 -15.08 12.31 17.14
N TYR A 240 -16.14 11.62 17.65
CA TYR A 240 -15.95 10.37 18.40
C TYR A 240 -15.30 9.33 17.49
N ASP A 241 -14.35 8.60 18.02
CA ASP A 241 -13.67 7.61 17.24
C ASP A 241 -13.40 6.40 18.13
N PRO A 242 -14.03 5.24 17.82
CA PRO A 242 -13.86 4.05 18.67
C PRO A 242 -12.44 3.52 18.73
N SER A 243 -11.63 3.80 17.68
CA SER A 243 -10.23 3.38 17.61
C SER A 243 -9.31 4.24 18.46
N ILE A 244 -9.82 5.34 19.05
CA ILE A 244 -9.02 6.21 19.91
C ILE A 244 -9.62 6.32 21.32
N ASN A 245 -8.75 6.28 22.33
CA ASN A 245 -9.11 6.38 23.73
C ASN A 245 -9.21 7.84 24.22
N CYS A 246 -8.49 8.76 23.54
CA CYS A 246 -8.44 10.18 23.86
C CYS A 246 -9.79 10.84 23.79
N THR A 247 -10.07 11.73 24.74
CA THR A 247 -11.33 12.47 24.75
C THR A 247 -11.21 13.66 23.81
N VAL A 248 -12.35 14.33 23.53
CA VAL A 248 -12.44 15.52 22.71
C VAL A 248 -11.53 16.63 23.25
N ASP A 249 -11.53 16.85 24.58
CA ASP A 249 -10.72 17.90 25.18
C ASP A 249 -9.23 17.64 25.08
N GLU A 250 -8.82 16.35 25.18
CA GLU A 250 -7.42 15.93 25.05
C GLU A 250 -6.95 16.13 23.62
N MET A 251 -7.78 15.73 22.65
CA MET A 251 -7.53 15.88 21.20
C MET A 251 -7.39 17.35 20.83
N THR A 252 -8.29 18.19 21.35
CA THR A 252 -8.34 19.65 21.14
C THR A 252 -7.05 20.28 21.64
N GLU A 253 -6.53 19.82 22.79
CA GLU A 253 -5.28 20.42 23.22
C GLU A 253 -4.09 19.90 22.39
N ALA A 254 -4.09 18.60 21.98
CA ALA A 254 -3.00 18.04 21.15
C ALA A 254 -2.89 18.75 19.79
N VAL A 255 -4.00 19.18 19.21
CA VAL A 255 -3.97 19.79 17.88
C VAL A 255 -3.76 21.32 17.92
N GLU A 256 -3.78 21.94 19.10
CA GLU A 256 -3.68 23.41 19.17
C GLU A 256 -2.41 23.99 18.48
N GLY A 257 -2.64 24.99 17.63
CA GLY A 257 -1.58 25.74 16.94
C GLY A 257 -1.01 25.15 15.68
N HIS A 258 -1.51 23.96 15.26
CA HIS A 258 -0.94 23.32 14.07
C HIS A 258 -1.26 24.10 12.81
N ILE A 259 -0.41 23.92 11.79
CA ILE A 259 -0.51 24.61 10.51
C ILE A 259 -1.03 23.64 9.46
N THR A 260 -1.89 24.12 8.56
CA THR A 260 -2.37 23.34 7.43
C THR A 260 -2.19 24.07 6.14
N THR A 261 -2.03 23.31 5.05
CA THR A 261 -1.96 23.86 3.70
C THR A 261 -3.02 23.18 2.85
N GLU A 262 -3.62 23.93 1.94
CA GLU A 262 -4.61 23.41 1.00
C GLU A 262 -4.52 24.27 -0.25
N ILE A 263 -5.17 23.83 -1.30
CA ILE A 263 -5.11 24.51 -2.58
C ILE A 263 -6.40 25.32 -2.80
N VAL A 264 -6.28 26.51 -3.38
CA VAL A 264 -7.46 27.33 -3.68
C VAL A 264 -8.02 26.76 -4.99
N MET A 265 -9.22 26.18 -4.92
CA MET A 265 -9.84 25.49 -6.07
C MET A 265 -10.98 26.23 -6.72
N LEU A 266 -11.44 27.30 -6.12
CA LEU A 266 -12.52 28.11 -6.63
C LEU A 266 -11.91 29.47 -7.00
N ASN A 267 -12.27 30.00 -8.19
CA ASN A 267 -11.74 31.29 -8.63
C ASN A 267 -12.15 32.40 -7.61
N PRO A 268 -11.20 33.14 -6.99
CA PRO A 268 -11.60 34.16 -6.01
C PRO A 268 -12.19 35.44 -6.63
N ALA A 269 -11.98 35.66 -7.94
CA ALA A 269 -12.51 36.82 -8.67
C ALA A 269 -13.95 36.52 -9.13
N ASN A 270 -14.81 37.57 -9.10
CA ASN A 270 -16.24 37.50 -9.46
C ASN A 270 -16.50 37.48 -10.99
N THR A 271 -15.79 36.63 -11.74
CA THR A 271 -15.98 36.53 -13.20
C THR A 271 -16.95 35.38 -13.55
N ARG A 272 -17.47 35.37 -14.78
CA ARG A 272 -18.39 34.32 -15.24
C ARG A 272 -17.61 33.35 -16.13
N SER A 273 -17.63 32.05 -15.80
CA SER A 273 -16.90 31.04 -16.56
C SER A 273 -17.72 30.49 -17.74
N ILE A 274 -17.21 29.42 -18.44
CA ILE A 274 -17.88 28.79 -19.59
C ILE A 274 -19.36 28.43 -19.32
N SER A 275 -19.70 28.00 -18.08
CA SER A 275 -21.06 27.64 -17.69
C SER A 275 -21.96 28.88 -17.49
N ASN A 276 -21.37 30.10 -17.57
CA ASN A 276 -22.01 31.41 -17.36
C ASN A 276 -22.33 31.66 -15.88
N MET A 277 -21.70 30.88 -14.97
CA MET A 277 -21.84 31.02 -13.52
C MET A 277 -20.60 31.70 -12.95
N THR A 278 -20.78 32.36 -11.81
CA THR A 278 -19.69 32.94 -11.05
C THR A 278 -19.42 31.89 -9.95
N SER A 279 -18.23 31.92 -9.38
CA SER A 279 -17.82 31.02 -8.30
C SER A 279 -18.86 31.02 -7.17
N GLN A 280 -19.35 32.21 -6.84
CA GLN A 280 -20.32 32.46 -5.77
C GLN A 280 -21.69 31.82 -6.04
N GLU A 281 -22.18 31.86 -7.29
CA GLU A 281 -23.46 31.23 -7.66
C GLU A 281 -23.34 29.71 -7.70
N PHE A 282 -22.15 29.20 -8.06
CA PHE A 282 -21.90 27.76 -8.08
C PHE A 282 -22.08 27.22 -6.66
N VAL A 283 -21.51 27.91 -5.66
CA VAL A 283 -21.59 27.56 -4.25
C VAL A 283 -23.06 27.56 -3.75
N GLU A 284 -23.85 28.60 -4.10
CA GLU A 284 -25.28 28.68 -3.70
C GLU A 284 -26.05 27.55 -4.37
N LYS A 285 -25.79 27.31 -5.67
CA LYS A 285 -26.41 26.25 -6.47
C LYS A 285 -26.11 24.86 -5.89
N LEU A 286 -24.84 24.60 -5.52
CA LEU A 286 -24.43 23.32 -4.92
C LEU A 286 -25.09 23.16 -3.57
N THR A 287 -25.12 24.26 -2.77
CA THR A 287 -25.76 24.30 -1.45
C THR A 287 -27.27 24.00 -1.59
N LYS A 288 -27.90 24.45 -2.70
CA LYS A 288 -29.32 24.20 -3.00
C LYS A 288 -29.56 22.69 -3.16
N ARG A 289 -28.58 21.96 -3.73
CA ARG A 289 -28.65 20.51 -3.96
C ARG A 289 -28.33 19.65 -2.73
N LEU A 290 -27.52 20.16 -1.80
CA LEU A 290 -27.09 19.41 -0.63
C LEU A 290 -28.15 19.29 0.46
N LYS A 291 -28.10 18.18 1.21
CA LYS A 291 -29.02 17.84 2.30
C LYS A 291 -28.48 18.25 3.67
N ARG A 292 -27.17 18.43 3.76
CA ARG A 292 -26.47 18.89 4.96
C ARG A 292 -25.74 20.17 4.55
N HIS A 293 -25.27 20.97 5.53
CA HIS A 293 -24.57 22.22 5.23
C HIS A 293 -23.17 22.01 4.58
N PRO A 294 -22.59 23.02 3.87
CA PRO A 294 -21.26 22.81 3.24
C PRO A 294 -20.19 22.23 4.18
N GLU A 295 -20.12 22.75 5.43
CA GLU A 295 -19.22 22.34 6.52
C GLU A 295 -19.46 20.88 6.93
N GLU A 296 -20.64 20.32 6.59
CA GLU A 296 -21.07 18.96 6.91
C GLU A 296 -21.03 18.02 5.70
N THR A 297 -20.48 18.48 4.56
CA THR A 297 -20.44 17.66 3.34
C THR A 297 -19.00 17.45 2.83
N GLY A 298 -18.59 16.18 2.77
CA GLY A 298 -17.27 15.83 2.26
C GLY A 298 -17.14 16.19 0.80
N GLY A 299 -16.00 16.73 0.44
CA GLY A 299 -15.71 17.11 -0.93
C GLY A 299 -16.19 18.47 -1.38
N PHE A 300 -16.74 19.29 -0.44
CA PHE A 300 -17.26 20.62 -0.81
C PHE A 300 -16.21 21.50 -1.48
N GLN A 301 -14.98 21.58 -0.90
CA GLN A 301 -13.89 22.38 -1.49
C GLN A 301 -13.47 21.83 -2.87
N GLU A 302 -13.56 20.50 -3.09
CA GLU A 302 -13.19 19.86 -4.37
C GLU A 302 -14.29 19.88 -5.43
N ALA A 303 -15.54 20.10 -5.02
CA ALA A 303 -16.70 20.12 -5.92
C ALA A 303 -16.50 20.94 -7.21
N PRO A 304 -15.87 22.16 -7.23
CA PRO A 304 -15.63 22.84 -8.52
C PRO A 304 -14.84 22.02 -9.53
N LEU A 305 -13.92 21.15 -9.05
CA LEU A 305 -13.09 20.30 -9.91
C LEU A 305 -13.91 19.21 -10.58
N ALA A 306 -14.94 18.72 -9.88
CA ALA A 306 -15.83 17.66 -10.38
C ALA A 306 -16.69 18.29 -11.47
N TYR A 307 -17.23 19.47 -11.16
CA TYR A 307 -18.01 20.27 -12.10
C TYR A 307 -17.20 20.52 -13.37
N ASP A 308 -15.95 21.02 -13.25
CA ASP A 308 -15.09 21.31 -14.39
C ASP A 308 -14.62 20.08 -15.17
N ALA A 309 -14.48 18.92 -14.49
CA ALA A 309 -14.08 17.67 -15.19
C ALA A 309 -15.15 17.26 -16.25
N ILE A 310 -16.45 17.44 -15.91
CA ILE A 310 -17.53 17.11 -16.85
C ILE A 310 -17.46 18.04 -18.07
N TRP A 311 -17.23 19.35 -17.84
CA TRP A 311 -17.07 20.34 -18.91
C TRP A 311 -15.88 20.02 -19.78
N ALA A 312 -14.75 19.64 -19.15
CA ALA A 312 -13.52 19.27 -19.86
C ALA A 312 -13.76 18.08 -20.79
N LEU A 313 -14.51 17.08 -20.29
CA LEU A 313 -14.83 15.88 -21.06
C LEU A 313 -15.80 16.22 -22.21
N ALA A 314 -16.87 16.97 -21.89
CA ALA A 314 -17.88 17.39 -22.87
C ALA A 314 -17.27 18.12 -24.05
N LEU A 315 -16.34 19.06 -23.77
CA LEU A 315 -15.66 19.84 -24.81
C LEU A 315 -14.73 18.95 -25.64
N ALA A 316 -14.04 18.00 -24.98
CA ALA A 316 -13.12 17.07 -25.66
C ALA A 316 -13.91 16.11 -26.56
N LEU A 317 -15.13 15.70 -26.13
CA LEU A 317 -15.99 14.80 -26.92
C LEU A 317 -16.51 15.56 -28.14
N ASN A 318 -16.86 16.85 -27.96
CA ASN A 318 -17.33 17.73 -29.03
C ASN A 318 -16.31 17.85 -30.16
N LYS A 319 -15.03 18.06 -29.84
CA LYS A 319 -13.96 18.19 -30.84
C LYS A 319 -13.79 16.89 -31.63
N THR A 320 -13.82 15.74 -30.94
CA THR A 320 -13.67 14.44 -31.61
C THR A 320 -14.94 14.04 -32.38
N SER A 321 -16.09 14.67 -32.03
CA SER A 321 -17.44 14.49 -32.57
C SER A 321 -18.03 13.10 -32.36
N ARG A 330 -18.60 9.87 -34.05
CA ARG A 330 -18.44 8.42 -34.11
C ARG A 330 -18.40 7.78 -32.70
N LEU A 331 -18.92 8.50 -31.67
CA LEU A 331 -18.88 8.11 -30.26
C LEU A 331 -19.61 6.80 -29.92
N GLU A 332 -20.72 6.49 -30.65
CA GLU A 332 -21.51 5.25 -30.51
C GLU A 332 -20.67 4.01 -30.88
N ASP A 333 -19.59 4.21 -31.63
CA ASP A 333 -18.72 3.15 -32.13
C ASP A 333 -17.49 2.85 -31.25
N PHE A 334 -17.39 3.49 -30.07
CA PHE A 334 -16.25 3.22 -29.17
C PHE A 334 -16.31 1.78 -28.64
N ASN A 335 -15.16 1.08 -28.66
CA ASN A 335 -14.99 -0.29 -28.16
C ASN A 335 -13.70 -0.32 -27.34
N TYR A 336 -13.56 -1.30 -26.43
CA TYR A 336 -12.38 -1.45 -25.56
C TYR A 336 -11.16 -2.07 -26.26
N ASN A 337 -11.36 -2.54 -27.50
CA ASN A 337 -10.27 -3.21 -28.23
C ASN A 337 -9.65 -2.29 -29.26
N ASN A 338 -10.18 -1.07 -29.38
CA ASN A 338 -9.74 -0.09 -30.36
C ASN A 338 -9.11 1.17 -29.74
N GLN A 339 -7.86 1.46 -30.13
CA GLN A 339 -7.02 2.59 -29.72
C GLN A 339 -7.42 3.90 -30.39
N THR A 340 -7.96 3.83 -31.64
CA THR A 340 -8.32 4.95 -32.51
C THR A 340 -9.03 6.09 -31.77
N ILE A 341 -10.28 5.85 -31.31
CA ILE A 341 -11.09 6.87 -30.62
C ILE A 341 -10.40 7.35 -29.33
N THR A 342 -9.75 6.42 -28.61
CA THR A 342 -9.01 6.73 -27.37
C THR A 342 -7.96 7.81 -27.64
N ASP A 343 -7.09 7.58 -28.66
CA ASP A 343 -6.04 8.48 -29.11
C ASP A 343 -6.55 9.87 -29.46
N GLN A 344 -7.71 9.94 -30.15
CA GLN A 344 -8.34 11.21 -30.56
C GLN A 344 -8.87 11.98 -29.36
N ILE A 345 -9.60 11.30 -28.44
CA ILE A 345 -10.10 11.99 -27.24
C ILE A 345 -8.92 12.39 -26.35
N TYR A 346 -7.85 11.58 -26.32
CA TYR A 346 -6.63 11.89 -25.54
C TYR A 346 -6.07 13.22 -26.04
N ARG A 347 -5.94 13.37 -27.40
CA ARG A 347 -5.45 14.57 -28.06
C ARG A 347 -6.33 15.78 -27.79
N ALA A 348 -7.65 15.62 -27.76
CA ALA A 348 -8.58 16.72 -27.47
C ALA A 348 -8.46 17.18 -26.00
N MET A 349 -8.33 16.22 -25.06
CA MET A 349 -8.15 16.47 -23.62
C MET A 349 -6.81 17.18 -23.40
N ASN A 350 -5.74 16.68 -24.06
CA ASN A 350 -4.38 17.22 -24.03
C ASN A 350 -4.34 18.68 -24.46
N SER A 351 -5.23 19.08 -25.39
CA SER A 351 -5.29 20.45 -25.91
C SER A 351 -6.39 21.28 -25.25
N SER A 352 -7.04 20.76 -24.18
CA SER A 352 -8.10 21.50 -23.47
C SER A 352 -7.57 22.84 -22.99
N SER A 353 -8.42 23.88 -23.10
CA SER A 353 -8.12 25.23 -22.66
C SER A 353 -9.42 25.99 -22.60
N PHE A 354 -10.00 26.08 -21.39
CA PHE A 354 -11.24 26.80 -21.17
C PHE A 354 -11.27 27.38 -19.76
N GLU A 355 -12.28 28.22 -19.46
CA GLU A 355 -12.46 28.84 -18.16
C GLU A 355 -13.56 28.13 -17.40
N GLY A 356 -13.23 27.52 -16.26
CA GLY A 356 -14.18 26.79 -15.45
C GLY A 356 -14.46 27.46 -14.13
N VAL A 357 -15.25 26.83 -13.25
CA VAL A 357 -15.52 27.41 -11.93
C VAL A 357 -14.24 27.41 -11.05
N SER A 358 -13.26 26.53 -11.40
CA SER A 358 -11.97 26.40 -10.70
C SER A 358 -10.86 27.22 -11.37
N GLY A 359 -11.23 28.07 -12.34
CA GLY A 359 -10.29 28.90 -13.08
C GLY A 359 -9.95 28.35 -14.44
N HIS A 360 -8.74 28.68 -14.94
CA HIS A 360 -8.28 28.25 -16.25
C HIS A 360 -7.94 26.75 -16.26
N VAL A 361 -8.75 25.96 -16.97
CA VAL A 361 -8.59 24.50 -17.04
C VAL A 361 -7.71 24.07 -18.21
N VAL A 362 -6.57 23.44 -17.91
CA VAL A 362 -5.61 22.88 -18.88
C VAL A 362 -5.08 21.56 -18.34
N PHE A 363 -4.52 20.72 -19.24
CA PHE A 363 -3.97 19.42 -18.86
C PHE A 363 -2.58 19.22 -19.38
N ASP A 364 -1.62 19.21 -18.45
CA ASP A 364 -0.22 18.83 -18.61
C ASP A 364 0.12 18.07 -17.34
N ALA A 365 0.55 16.81 -17.50
CA ALA A 365 0.81 15.78 -16.49
C ALA A 365 1.25 16.21 -15.06
N SER A 366 2.49 16.70 -14.91
CA SER A 366 3.24 16.94 -13.68
C SER A 366 2.61 17.76 -12.51
N GLY A 367 1.90 18.86 -12.76
CA GLY A 367 1.44 19.67 -11.64
C GLY A 367 -0.05 19.89 -11.46
N SER A 368 -0.78 19.92 -12.57
CA SER A 368 -2.23 20.14 -12.68
C SER A 368 -2.64 21.60 -12.32
N ARG A 369 -2.05 22.55 -13.06
CA ARG A 369 -2.28 24.01 -13.15
C ARG A 369 -2.11 24.87 -11.88
N MET A 370 -3.19 25.65 -11.55
CA MET A 370 -3.41 26.75 -10.61
C MET A 370 -2.42 26.88 -9.46
N ALA A 371 -2.07 28.16 -9.28
CA ALA A 371 -1.02 28.81 -8.55
C ALA A 371 -1.15 29.02 -7.03
N TRP A 372 -2.35 28.91 -6.38
CA TRP A 372 -2.40 29.30 -4.97
C TRP A 372 -2.71 28.23 -3.95
N THR A 373 -2.05 28.34 -2.80
CA THR A 373 -2.36 27.53 -1.64
C THR A 373 -2.90 28.50 -0.57
N LEU A 374 -3.71 27.97 0.35
CA LEU A 374 -4.26 28.65 1.51
C LEU A 374 -3.63 28.02 2.74
N ILE A 375 -3.09 28.85 3.63
CA ILE A 375 -2.41 28.40 4.85
C ILE A 375 -3.28 28.79 6.03
N GLU A 376 -3.55 27.80 6.90
CA GLU A 376 -4.37 28.04 8.08
C GLU A 376 -3.64 27.58 9.32
N GLN A 377 -4.08 28.10 10.48
CA GLN A 377 -3.58 27.67 11.77
C GLN A 377 -4.78 27.40 12.65
N LEU A 378 -4.72 26.33 13.44
CA LEU A 378 -5.78 26.01 14.38
C LEU A 378 -5.56 26.82 15.65
N GLN A 379 -6.48 27.75 15.96
CA GLN A 379 -6.36 28.61 17.13
C GLN A 379 -7.62 28.51 17.98
N GLY A 380 -7.46 28.06 19.21
CA GLY A 380 -8.56 27.88 20.16
C GLY A 380 -9.63 26.94 19.64
N GLY A 381 -9.18 25.89 18.95
CA GLY A 381 -10.06 24.87 18.39
C GLY A 381 -10.74 25.21 17.07
N SER A 382 -10.39 26.35 16.46
CA SER A 382 -10.96 26.79 15.17
C SER A 382 -9.89 27.19 14.17
N TYR A 383 -10.08 26.85 12.89
CA TYR A 383 -9.10 27.25 11.86
C TYR A 383 -9.21 28.71 11.51
N LYS A 384 -8.06 29.37 11.42
CA LYS A 384 -7.96 30.77 11.03
C LYS A 384 -7.03 30.88 9.85
N LYS A 385 -7.43 31.64 8.82
CA LYS A 385 -6.61 31.88 7.63
C LYS A 385 -5.42 32.73 8.07
N ILE A 386 -4.20 32.31 7.69
CA ILE A 386 -3.00 33.07 8.07
C ILE A 386 -2.23 33.56 6.85
N GLY A 387 -2.56 33.03 5.67
CA GLY A 387 -1.88 33.47 4.46
C GLY A 387 -2.14 32.63 3.23
N TYR A 388 -1.60 33.09 2.10
CA TYR A 388 -1.69 32.40 0.80
C TYR A 388 -0.33 32.40 0.15
N TYR A 389 0.00 31.35 -0.61
CA TYR A 389 1.27 31.35 -1.31
C TYR A 389 1.13 30.99 -2.77
N ASP A 390 1.76 31.79 -3.63
CA ASP A 390 1.81 31.52 -5.07
C ASP A 390 3.26 31.16 -5.40
N SER A 391 3.53 29.88 -5.66
CA SER A 391 4.90 29.45 -6.01
C SER A 391 5.40 29.92 -7.39
N THR A 392 4.49 30.23 -8.32
CA THR A 392 4.89 30.65 -9.69
C THR A 392 5.57 32.03 -9.68
N LYS A 393 5.00 32.99 -8.95
CA LYS A 393 5.52 34.36 -8.85
C LYS A 393 6.28 34.55 -7.53
N ASP A 394 6.30 33.53 -6.64
CA ASP A 394 6.92 33.61 -5.32
C ASP A 394 6.30 34.76 -4.48
N ASP A 395 5.00 34.64 -4.23
CA ASP A 395 4.26 35.63 -3.49
C ASP A 395 3.58 35.02 -2.30
N LEU A 396 4.12 35.31 -1.11
CA LEU A 396 3.51 34.93 0.15
C LEU A 396 2.69 36.12 0.69
N SER A 397 1.37 36.00 0.62
CA SER A 397 0.45 37.02 1.11
C SER A 397 0.21 36.66 2.56
N TRP A 398 0.66 37.52 3.50
CA TRP A 398 0.60 37.20 4.92
C TRP A 398 -0.38 38.10 5.69
N SER A 399 -1.35 37.49 6.39
CA SER A 399 -2.41 38.19 7.13
C SER A 399 -1.96 38.77 8.48
N LYS A 400 -0.82 38.28 9.04
CA LYS A 400 -0.30 38.61 10.38
C LYS A 400 -1.32 38.19 11.45
N THR A 401 -2.01 37.06 11.22
CA THR A 401 -3.03 36.54 12.15
C THR A 401 -2.56 35.26 12.88
N ASP A 402 -1.33 34.81 12.59
CA ASP A 402 -0.78 33.61 13.25
C ASP A 402 -0.42 33.90 14.70
N LYS A 403 -0.57 32.90 15.57
CA LYS A 403 -0.32 33.07 17.00
C LYS A 403 0.56 31.95 17.52
N TRP A 404 1.48 32.30 18.45
CA TRP A 404 2.46 31.39 19.02
C TRP A 404 2.64 31.66 20.52
N ILE A 405 2.82 30.59 21.32
CA ILE A 405 3.06 30.67 22.78
C ILE A 405 4.35 31.48 22.97
N GLY A 406 4.23 32.60 23.68
CA GLY A 406 5.36 33.49 23.93
C GLY A 406 5.55 34.54 22.85
N GLY A 407 4.64 34.54 21.86
CA GLY A 407 4.62 35.50 20.77
C GLY A 407 5.46 35.21 19.56
N SER A 408 6.22 34.11 19.54
CA SER A 408 7.07 33.78 18.38
C SER A 408 7.18 32.26 18.16
N PRO A 409 7.34 31.74 16.90
CA PRO A 409 7.45 30.28 16.72
C PRO A 409 8.67 29.70 17.44
N PRO A 410 8.67 28.38 17.73
CA PRO A 410 9.83 27.77 18.40
C PRO A 410 10.97 27.52 17.45
N ALA A 411 12.06 26.92 17.96
CA ALA A 411 13.22 26.57 17.16
C ALA A 411 13.11 25.16 16.58
N ASP A 412 14.00 24.80 15.66
CA ASP A 412 13.95 23.45 15.09
C ASP A 412 14.72 22.43 15.91
N ASP A 413 15.46 22.90 16.95
CA ASP A 413 16.31 22.09 17.83
C ASP A 413 16.87 22.99 18.92
N TYR A 414 17.53 22.39 19.94
CA TYR A 414 18.32 23.17 20.89
C TYR A 414 19.53 23.70 20.10
N LYS A 415 20.06 24.87 20.47
CA LYS A 415 21.22 25.48 19.80
C LYS A 415 22.33 25.80 20.79
N ASP A 416 22.08 25.54 22.09
CA ASP A 416 22.96 25.98 23.18
C ASP A 416 23.99 24.95 23.71
N ASP A 417 24.07 23.74 23.14
CA ASP A 417 25.06 22.79 23.65
C ASP A 417 26.36 23.15 22.89
N ASP A 418 27.18 24.02 23.49
CA ASP A 418 28.45 24.53 22.95
C ASP A 418 29.41 23.40 22.56
N PRO B 9 -12.98 -39.51 -14.17
CA PRO B 9 -14.28 -40.10 -14.49
C PRO B 9 -15.26 -39.07 -15.07
N PRO B 10 -16.04 -39.45 -16.11
CA PRO B 10 -17.00 -38.49 -16.70
C PRO B 10 -18.06 -37.97 -15.74
N SER B 11 -18.40 -38.78 -14.70
CA SER B 11 -19.40 -38.48 -13.66
C SER B 11 -18.82 -37.75 -12.44
N SER B 12 -17.48 -37.59 -12.40
CA SER B 12 -16.78 -36.93 -11.30
C SER B 12 -16.87 -35.38 -11.45
N PRO B 13 -17.58 -34.66 -10.56
CA PRO B 13 -17.71 -33.21 -10.76
C PRO B 13 -16.47 -32.42 -10.33
N PRO B 14 -16.18 -31.32 -11.04
CA PRO B 14 -15.00 -30.51 -10.68
C PRO B 14 -15.21 -29.56 -9.51
N LEU B 15 -14.13 -29.32 -8.76
CA LEU B 15 -14.07 -28.32 -7.69
C LEU B 15 -13.04 -27.36 -8.25
N SER B 16 -13.51 -26.28 -8.87
CA SER B 16 -12.63 -25.36 -9.59
C SER B 16 -11.90 -24.36 -8.71
N ILE B 17 -10.61 -24.18 -9.01
CA ILE B 17 -9.71 -23.28 -8.27
C ILE B 17 -9.07 -22.31 -9.26
N MET B 18 -9.05 -21.02 -8.92
CA MET B 18 -8.47 -20.01 -9.77
C MET B 18 -6.98 -19.84 -9.42
N GLY B 19 -6.12 -20.42 -10.26
CA GLY B 19 -4.68 -20.31 -10.10
C GLY B 19 -4.19 -19.04 -10.75
N LEU B 20 -3.59 -18.14 -9.96
CA LEU B 20 -3.05 -16.86 -10.42
C LEU B 20 -1.58 -16.79 -10.09
N MET B 21 -0.76 -16.69 -11.10
CA MET B 21 0.70 -16.57 -10.90
C MET B 21 1.40 -16.14 -12.20
N PRO B 22 2.67 -15.65 -12.12
CA PRO B 22 3.37 -15.30 -13.36
C PRO B 22 3.90 -16.57 -13.99
N LEU B 23 3.69 -16.73 -15.29
CA LEU B 23 4.09 -17.96 -15.99
C LEU B 23 4.94 -17.71 -17.27
N THR B 24 4.63 -16.64 -18.01
CA THR B 24 5.29 -16.29 -19.27
C THR B 24 6.83 -16.17 -19.14
N LYS B 25 7.55 -16.58 -20.22
CA LYS B 25 9.01 -16.44 -20.32
C LYS B 25 9.40 -14.96 -20.54
N GLU B 26 8.41 -14.12 -20.87
CA GLU B 26 8.60 -12.68 -21.10
C GLU B 26 8.96 -11.91 -19.83
N VAL B 27 8.49 -12.38 -18.66
CA VAL B 27 8.77 -11.73 -17.37
C VAL B 27 9.69 -12.59 -16.53
N ALA B 28 10.61 -11.95 -15.81
CA ALA B 28 11.61 -12.64 -14.99
C ALA B 28 10.97 -13.55 -13.92
N LYS B 29 9.91 -13.09 -13.27
CA LYS B 29 9.25 -13.86 -12.20
C LYS B 29 8.34 -15.00 -12.73
N GLY B 30 8.30 -15.17 -14.05
CA GLY B 30 7.62 -16.28 -14.71
C GLY B 30 8.26 -17.57 -14.28
N SER B 31 9.58 -17.54 -13.98
CA SER B 31 10.37 -18.67 -13.48
C SER B 31 9.81 -19.22 -12.14
N ILE B 32 9.23 -18.34 -11.29
CA ILE B 32 8.62 -18.77 -10.03
C ILE B 32 7.37 -19.64 -10.33
N GLY B 33 6.41 -19.10 -11.09
CA GLY B 33 5.21 -19.85 -11.46
C GLY B 33 5.57 -21.17 -12.12
N ARG B 34 6.42 -21.12 -13.16
CA ARG B 34 6.87 -22.32 -13.88
C ARG B 34 7.61 -23.29 -12.97
N GLY B 35 8.35 -22.77 -12.00
CA GLY B 35 9.14 -23.53 -11.04
C GLY B 35 8.32 -24.29 -10.00
N VAL B 36 7.17 -23.74 -9.60
CA VAL B 36 6.30 -24.41 -8.60
C VAL B 36 5.32 -25.38 -9.24
N LEU B 37 5.04 -25.24 -10.55
CA LEU B 37 4.06 -26.11 -11.23
C LEU B 37 4.38 -27.62 -11.11
N PRO B 38 5.66 -28.08 -11.10
CA PRO B 38 5.89 -29.52 -10.84
C PRO B 38 5.48 -29.92 -9.41
N ALA B 39 5.63 -29.00 -8.42
CA ALA B 39 5.24 -29.26 -7.03
C ALA B 39 3.72 -29.39 -6.93
N VAL B 40 3.00 -28.47 -7.60
CA VAL B 40 1.54 -28.43 -7.70
C VAL B 40 1.04 -29.74 -8.34
N GLU B 41 1.63 -30.11 -9.51
CA GLU B 41 1.30 -31.33 -10.24
C GLU B 41 1.43 -32.60 -9.39
N LEU B 42 2.50 -32.72 -8.59
CA LEU B 42 2.73 -33.86 -7.68
C LEU B 42 1.67 -33.94 -6.60
N ALA B 43 1.28 -32.79 -6.02
CA ALA B 43 0.26 -32.75 -4.98
C ALA B 43 -1.08 -33.18 -5.59
N ILE B 44 -1.46 -32.60 -6.75
CA ILE B 44 -2.71 -32.89 -7.45
C ILE B 44 -2.79 -34.38 -7.84
N GLU B 45 -1.68 -34.90 -8.41
CA GLU B 45 -1.52 -36.30 -8.79
C GLU B 45 -1.85 -37.25 -7.67
N GLN B 46 -1.23 -37.04 -6.49
CA GLN B 46 -1.46 -37.90 -5.34
C GLN B 46 -2.87 -37.76 -4.75
N ILE B 47 -3.36 -36.51 -4.64
CA ILE B 47 -4.71 -36.26 -4.13
C ILE B 47 -5.75 -37.02 -5.00
N ARG B 48 -5.58 -37.04 -6.33
CA ARG B 48 -6.50 -37.72 -7.24
C ARG B 48 -6.39 -39.23 -7.17
N ASN B 49 -5.14 -39.75 -7.16
CA ASN B 49 -4.86 -41.18 -7.04
C ASN B 49 -5.47 -41.76 -5.77
N GLU B 50 -5.53 -40.96 -4.69
CA GLU B 50 -6.10 -41.27 -3.38
C GLU B 50 -7.61 -41.02 -3.36
N SER B 51 -8.12 -40.29 -4.38
CA SER B 51 -9.51 -39.84 -4.49
C SER B 51 -9.98 -39.34 -3.12
N LEU B 52 -9.20 -38.39 -2.53
CA LEU B 52 -9.45 -37.78 -1.22
C LEU B 52 -10.70 -36.93 -1.25
N LEU B 53 -11.02 -36.38 -2.44
CA LEU B 53 -12.17 -35.50 -2.65
C LEU B 53 -13.36 -36.23 -3.31
N ARG B 54 -13.27 -37.56 -3.47
CA ARG B 54 -14.34 -38.40 -4.05
C ARG B 54 -15.77 -38.00 -3.64
N PRO B 55 -16.75 -37.94 -4.57
CA PRO B 55 -16.68 -38.22 -6.03
C PRO B 55 -16.13 -37.05 -6.86
N TYR B 56 -15.69 -35.95 -6.22
CA TYR B 56 -15.17 -34.78 -6.93
C TYR B 56 -13.70 -34.89 -7.31
N PHE B 57 -13.22 -33.90 -8.06
CA PHE B 57 -11.81 -33.76 -8.36
C PHE B 57 -11.43 -32.28 -8.30
N LEU B 58 -10.22 -32.01 -7.88
CA LEU B 58 -9.69 -30.65 -7.76
C LEU B 58 -9.34 -30.14 -9.18
N ASP B 59 -10.05 -29.12 -9.67
CA ASP B 59 -9.89 -28.58 -11.03
C ASP B 59 -9.12 -27.24 -10.98
N LEU B 60 -7.80 -27.29 -10.95
CA LEU B 60 -7.03 -26.05 -10.90
C LEU B 60 -6.86 -25.44 -12.27
N ARG B 61 -7.42 -24.23 -12.47
CA ARG B 61 -7.28 -23.51 -13.74
C ARG B 61 -6.15 -22.50 -13.59
N LEU B 62 -5.29 -22.35 -14.61
CA LEU B 62 -4.16 -21.39 -14.52
C LEU B 62 -4.36 -20.15 -15.34
N TYR B 63 -4.08 -18.98 -14.73
CA TYR B 63 -4.21 -17.70 -15.38
C TYR B 63 -2.93 -16.91 -15.11
N ASP B 64 -2.35 -16.37 -16.18
CA ASP B 64 -1.06 -15.68 -16.09
C ASP B 64 -1.21 -14.25 -15.64
N THR B 65 -0.62 -13.91 -14.50
CA THR B 65 -0.70 -12.51 -14.05
C THR B 65 0.39 -11.68 -14.75
N GLU B 66 1.44 -12.37 -15.25
CA GLU B 66 2.61 -11.73 -15.90
C GLU B 66 3.32 -10.77 -14.93
N CYS B 67 3.09 -10.97 -13.59
CA CYS B 67 3.67 -10.14 -12.53
C CYS B 67 3.39 -8.64 -12.83
N ASP B 68 2.19 -8.36 -13.33
CA ASP B 68 1.84 -6.98 -13.73
C ASP B 68 0.48 -6.60 -13.17
N ASN B 69 0.36 -5.44 -12.51
CA ASN B 69 -0.93 -5.01 -11.95
C ASN B 69 -2.10 -5.05 -12.96
N ALA B 70 -1.93 -4.44 -14.16
CA ALA B 70 -3.01 -4.38 -15.15
C ALA B 70 -3.33 -5.74 -15.74
N LYS B 71 -2.30 -6.53 -16.10
CA LYS B 71 -2.55 -7.87 -16.68
C LYS B 71 -3.08 -8.84 -15.65
N GLY B 72 -2.65 -8.68 -14.40
CA GLY B 72 -3.09 -9.50 -13.27
C GLY B 72 -4.55 -9.28 -12.97
N LEU B 73 -4.97 -8.01 -12.94
CA LEU B 73 -6.36 -7.64 -12.69
C LEU B 73 -7.26 -8.15 -13.81
N LYS B 74 -6.81 -7.99 -15.07
CA LYS B 74 -7.59 -8.47 -16.21
C LYS B 74 -7.64 -9.99 -16.23
N ALA B 75 -6.55 -10.67 -15.84
CA ALA B 75 -6.53 -12.14 -15.80
C ALA B 75 -7.59 -12.62 -14.79
N PHE B 76 -7.66 -11.97 -13.63
CA PHE B 76 -8.65 -12.25 -12.59
C PHE B 76 -10.06 -11.99 -13.11
N TYR B 77 -10.30 -10.80 -13.71
CA TYR B 77 -11.61 -10.41 -14.25
C TYR B 77 -12.07 -11.40 -15.34
N ASP B 78 -11.15 -11.80 -16.21
CA ASP B 78 -11.44 -12.73 -17.32
C ASP B 78 -11.71 -14.14 -16.80
N ALA B 79 -11.02 -14.54 -15.72
CA ALA B 79 -11.26 -15.84 -15.07
C ALA B 79 -12.71 -15.85 -14.52
N ILE B 80 -13.18 -14.73 -13.94
CA ILE B 80 -14.55 -14.56 -13.39
C ILE B 80 -15.58 -14.58 -14.52
N LYS B 81 -15.35 -13.76 -15.54
CA LYS B 81 -16.29 -13.64 -16.63
C LYS B 81 -16.44 -14.90 -17.49
N TYR B 82 -15.31 -15.50 -17.89
CA TYR B 82 -15.27 -16.61 -18.84
C TYR B 82 -14.91 -17.99 -18.29
N GLY B 83 -14.30 -18.06 -17.10
CA GLY B 83 -13.88 -19.36 -16.61
C GLY B 83 -14.97 -20.11 -15.85
N PRO B 84 -14.66 -21.33 -15.35
CA PRO B 84 -15.66 -22.07 -14.53
C PRO B 84 -15.97 -21.35 -13.20
N ASN B 85 -16.89 -21.88 -12.40
CA ASN B 85 -17.25 -21.27 -11.11
C ASN B 85 -16.21 -21.60 -10.03
N HIS B 86 -15.12 -20.82 -9.99
CA HIS B 86 -14.06 -21.04 -9.02
C HIS B 86 -14.55 -20.87 -7.58
N LEU B 87 -14.07 -21.74 -6.69
CA LEU B 87 -14.42 -21.77 -5.26
C LEU B 87 -13.44 -21.01 -4.41
N MET B 88 -12.21 -20.91 -4.90
CA MET B 88 -11.14 -20.20 -4.21
C MET B 88 -10.02 -19.83 -5.16
N VAL B 89 -9.13 -18.96 -4.70
CA VAL B 89 -7.97 -18.46 -5.46
C VAL B 89 -6.73 -19.11 -4.87
N PHE B 90 -5.83 -19.60 -5.72
CA PHE B 90 -4.57 -20.18 -5.31
C PHE B 90 -3.48 -19.40 -6.05
N GLY B 91 -2.65 -18.70 -5.30
CA GLY B 91 -1.60 -17.91 -5.92
C GLY B 91 -1.46 -16.51 -5.39
N GLY B 92 -0.90 -15.67 -6.26
CA GLY B 92 -0.49 -14.31 -5.93
C GLY B 92 0.96 -14.43 -5.51
N VAL B 93 1.88 -13.98 -6.37
CA VAL B 93 3.31 -14.09 -6.13
C VAL B 93 3.91 -12.70 -5.97
N CYS B 94 3.68 -11.83 -6.97
CA CYS B 94 4.18 -10.46 -6.95
C CYS B 94 3.31 -9.64 -5.99
N PRO B 95 3.97 -9.02 -4.98
CA PRO B 95 3.20 -8.35 -3.91
C PRO B 95 2.14 -7.35 -4.37
N SER B 96 2.44 -6.48 -5.35
CA SER B 96 1.45 -5.50 -5.81
C SER B 96 0.25 -6.21 -6.45
N VAL B 97 0.49 -7.25 -7.29
CA VAL B 97 -0.63 -8.02 -7.88
C VAL B 97 -1.44 -8.73 -6.77
N THR B 98 -0.74 -9.39 -5.84
CA THR B 98 -1.38 -10.12 -4.74
C THR B 98 -2.27 -9.21 -3.94
N SER B 99 -1.80 -8.00 -3.64
CA SER B 99 -2.59 -7.04 -2.86
C SER B 99 -3.86 -6.66 -3.58
N ILE B 100 -3.79 -6.35 -4.90
CA ILE B 100 -4.97 -5.97 -5.70
C ILE B 100 -6.04 -7.08 -5.64
N ILE B 101 -5.62 -8.31 -5.85
CA ILE B 101 -6.54 -9.47 -5.78
C ILE B 101 -7.05 -9.65 -4.33
N ALA B 102 -6.12 -9.80 -3.36
CA ALA B 102 -6.46 -10.08 -1.96
C ALA B 102 -7.43 -9.07 -1.33
N GLU B 103 -7.31 -7.77 -1.66
CA GLU B 103 -8.24 -6.78 -1.04
C GLU B 103 -9.65 -6.84 -1.59
N SER B 104 -9.80 -7.44 -2.76
CA SER B 104 -11.07 -7.48 -3.47
C SER B 104 -11.87 -8.76 -3.29
N LEU B 105 -11.26 -9.80 -2.70
CA LEU B 105 -11.85 -11.15 -2.55
C LEU B 105 -13.30 -11.18 -2.09
N GLN B 106 -13.66 -10.36 -1.09
CA GLN B 106 -15.03 -10.32 -0.53
C GLN B 106 -16.11 -10.01 -1.55
N GLY B 107 -15.76 -9.24 -2.59
CA GLY B 107 -16.68 -8.90 -3.67
C GLY B 107 -17.17 -10.13 -4.42
N TRP B 108 -16.38 -11.22 -4.41
CA TRP B 108 -16.75 -12.48 -5.08
C TRP B 108 -16.79 -13.66 -4.10
N ASN B 109 -16.81 -13.39 -2.78
CA ASN B 109 -16.84 -14.44 -1.74
C ASN B 109 -15.77 -15.54 -1.97
N LEU B 110 -14.55 -15.13 -2.35
CA LEU B 110 -13.46 -16.04 -2.64
C LEU B 110 -12.39 -16.02 -1.57
N VAL B 111 -12.03 -17.19 -1.08
CA VAL B 111 -10.95 -17.33 -0.14
C VAL B 111 -9.69 -17.46 -1.00
N GLN B 112 -8.59 -16.78 -0.62
CA GLN B 112 -7.34 -16.92 -1.36
C GLN B 112 -6.26 -17.55 -0.52
N LEU B 113 -5.43 -18.41 -1.14
CA LEU B 113 -4.27 -18.97 -0.48
C LEU B 113 -3.05 -18.64 -1.35
N SER B 114 -2.05 -17.92 -0.79
CA SER B 114 -0.81 -17.59 -1.52
C SER B 114 0.30 -18.48 -1.03
N PHE B 115 1.23 -18.87 -1.90
CA PHE B 115 2.36 -19.69 -1.46
C PHE B 115 3.68 -18.89 -1.56
N ALA B 116 3.61 -17.60 -1.97
CA ALA B 116 4.84 -16.82 -2.21
C ALA B 116 4.83 -15.34 -1.77
N ALA B 117 3.65 -14.73 -1.53
CA ALA B 117 3.62 -13.29 -1.16
C ALA B 117 3.98 -13.14 0.32
N THR B 118 5.11 -12.50 0.62
CA THR B 118 5.60 -12.40 2.00
C THR B 118 5.48 -11.01 2.65
N THR B 119 5.06 -9.99 1.92
CA THR B 119 5.00 -8.62 2.45
C THR B 119 4.04 -8.54 3.65
N PRO B 120 4.40 -7.71 4.65
CA PRO B 120 3.67 -7.76 5.92
C PRO B 120 2.25 -7.21 5.96
N VAL B 121 1.92 -6.22 5.13
CA VAL B 121 0.61 -5.56 5.22
C VAL B 121 -0.53 -6.53 4.84
N LEU B 122 -0.20 -7.62 4.12
CA LEU B 122 -1.19 -8.67 3.83
C LEU B 122 -1.69 -9.36 5.09
N ALA B 123 -1.01 -9.16 6.26
CA ALA B 123 -1.50 -9.72 7.53
C ALA B 123 -2.68 -8.91 8.07
N ASP B 124 -2.95 -7.71 7.52
CA ASP B 124 -4.06 -6.87 7.99
C ASP B 124 -5.42 -7.54 7.68
N LYS B 125 -6.09 -8.04 8.71
CA LYS B 125 -7.36 -8.76 8.45
C LYS B 125 -8.56 -7.84 8.24
N LYS B 126 -8.40 -6.54 8.48
CA LYS B 126 -9.47 -5.60 8.16
C LYS B 126 -9.46 -5.38 6.64
N LYS B 127 -8.25 -5.23 6.06
CA LYS B 127 -8.10 -5.01 4.61
C LYS B 127 -8.16 -6.31 3.80
N TYR B 128 -7.55 -7.41 4.30
CA TYR B 128 -7.50 -8.68 3.55
C TYR B 128 -8.12 -9.84 4.37
N PRO B 129 -9.41 -9.74 4.79
CA PRO B 129 -10.03 -10.81 5.60
C PRO B 129 -10.04 -12.23 5.00
N TYR B 130 -10.16 -12.35 3.69
CA TYR B 130 -10.27 -13.65 3.00
C TYR B 130 -8.94 -14.19 2.50
N PHE B 131 -7.83 -13.55 2.90
CA PHE B 131 -6.51 -13.95 2.48
C PHE B 131 -5.75 -14.81 3.51
N PHE B 132 -5.14 -15.90 3.00
CA PHE B 132 -4.31 -16.86 3.75
C PHE B 132 -3.03 -17.05 2.97
N ARG B 133 -1.93 -17.41 3.66
CA ARG B 133 -0.68 -17.75 2.98
C ARG B 133 0.07 -18.86 3.70
N THR B 134 0.64 -19.82 2.94
CA THR B 134 1.40 -20.93 3.55
C THR B 134 2.83 -20.49 3.85
N VAL B 135 3.29 -19.41 3.24
CA VAL B 135 4.65 -18.96 3.45
C VAL B 135 4.74 -17.97 4.66
N PRO B 136 5.72 -18.15 5.59
CA PRO B 136 5.89 -17.17 6.68
C PRO B 136 6.15 -15.77 6.10
N SER B 137 5.51 -14.75 6.64
CA SER B 137 5.62 -13.41 6.13
C SER B 137 6.90 -12.73 6.64
N ASP B 138 7.21 -11.52 6.12
CA ASP B 138 8.39 -10.74 6.53
C ASP B 138 8.41 -10.44 8.04
N ASN B 139 7.25 -10.26 8.67
CA ASN B 139 7.15 -10.02 10.12
C ASN B 139 7.53 -11.24 10.95
N ALA B 140 7.39 -12.45 10.38
CA ALA B 140 7.69 -13.71 11.10
C ALA B 140 9.14 -13.82 11.57
N VAL B 141 10.03 -12.95 11.05
CA VAL B 141 11.44 -12.93 11.46
C VAL B 141 11.60 -12.36 12.89
N ASN B 142 10.66 -11.47 13.32
CA ASN B 142 10.76 -10.75 14.61
C ASN B 142 10.71 -11.69 15.85
N PRO B 143 9.76 -12.65 15.97
CA PRO B 143 9.83 -13.59 17.11
C PRO B 143 11.11 -14.43 17.08
N ALA B 144 11.64 -14.75 15.87
CA ALA B 144 12.86 -15.53 15.72
C ALA B 144 14.08 -14.72 16.20
N ILE B 145 14.17 -13.43 15.79
CA ILE B 145 15.25 -12.53 16.19
C ILE B 145 15.22 -12.39 17.73
N LEU B 146 14.01 -12.28 18.32
CA LEU B 146 13.88 -12.19 19.78
C LEU B 146 14.61 -13.39 20.47
N LYS B 147 14.38 -14.61 19.98
CA LYS B 147 15.02 -15.81 20.51
C LYS B 147 16.53 -15.82 20.26
N LEU B 148 16.99 -15.23 19.15
CA LEU B 148 18.41 -15.11 18.86
C LEU B 148 19.06 -14.11 19.83
N LEU B 149 18.38 -12.95 20.06
CA LEU B 149 18.88 -11.94 21.01
C LEU B 149 18.99 -12.54 22.42
N LYS B 150 17.97 -13.31 22.86
CA LYS B 150 17.96 -13.96 24.19
C LYS B 150 19.10 -14.97 24.28
N HIS B 151 19.30 -15.76 23.20
CA HIS B 151 20.35 -16.78 23.09
C HIS B 151 21.76 -16.21 23.32
N TYR B 152 22.09 -15.08 22.68
CA TYR B 152 23.42 -14.48 22.86
C TYR B 152 23.46 -13.36 23.90
N GLN B 153 22.37 -13.23 24.68
CA GLN B 153 22.24 -12.23 25.76
C GLN B 153 22.47 -10.79 25.25
N TRP B 154 21.88 -10.49 24.10
CA TRP B 154 21.94 -9.15 23.54
C TRP B 154 20.68 -8.45 24.06
N LYS B 155 20.85 -7.47 24.95
CA LYS B 155 19.73 -6.80 25.59
C LYS B 155 19.53 -5.39 25.07
N ARG B 156 20.47 -4.89 24.25
CA ARG B 156 20.41 -3.55 23.72
C ARG B 156 20.66 -3.61 22.22
N VAL B 157 19.72 -3.07 21.43
CA VAL B 157 19.86 -3.08 19.95
C VAL B 157 19.57 -1.70 19.37
N GLY B 158 20.04 -1.50 18.15
CA GLY B 158 19.74 -0.31 17.35
C GLY B 158 18.98 -0.79 16.12
N THR B 159 18.14 0.07 15.49
CA THR B 159 17.46 -0.39 14.27
C THR B 159 17.77 0.53 13.13
N LEU B 160 17.88 -0.04 11.92
CA LEU B 160 18.13 0.74 10.71
C LEU B 160 17.09 0.31 9.70
N THR B 161 16.16 1.22 9.35
CA THR B 161 15.03 0.87 8.48
C THR B 161 14.91 1.82 7.29
N GLN B 162 14.71 1.25 6.10
CA GLN B 162 14.43 1.98 4.87
C GLN B 162 12.98 2.43 4.99
N ASP B 163 12.71 3.71 4.77
CA ASP B 163 11.38 4.33 4.92
C ASP B 163 10.42 3.99 3.76
N VAL B 164 10.13 2.69 3.62
CA VAL B 164 9.26 2.07 2.61
C VAL B 164 8.35 1.10 3.42
N GLN B 165 7.04 1.05 3.07
CA GLN B 165 6.03 0.26 3.78
C GLN B 165 6.48 -1.14 4.23
N ARG B 166 7.00 -1.97 3.33
CA ARG B 166 7.36 -3.35 3.72
C ARG B 166 8.42 -3.43 4.81
N PHE B 167 9.26 -2.38 4.93
CA PHE B 167 10.30 -2.35 5.96
C PHE B 167 9.83 -1.66 7.21
N SER B 168 9.15 -0.49 7.08
CA SER B 168 8.64 0.19 8.29
C SER B 168 7.63 -0.67 9.02
N GLU B 169 6.85 -1.52 8.27
CA GLU B 169 5.88 -2.38 8.93
C GLU B 169 6.56 -3.48 9.76
N VAL B 170 7.67 -4.04 9.24
CA VAL B 170 8.43 -5.06 10.01
C VAL B 170 9.01 -4.37 11.28
N ARG B 171 9.60 -3.17 11.10
CA ARG B 171 10.16 -2.43 12.24
C ARG B 171 9.06 -2.09 13.28
N ASN B 172 7.90 -1.60 12.82
CA ASN B 172 6.80 -1.29 13.77
C ASN B 172 6.33 -2.54 14.50
N ASP B 173 6.27 -3.68 13.79
CA ASP B 173 5.89 -4.97 14.38
C ASP B 173 6.90 -5.37 15.49
N LEU B 174 8.18 -5.04 15.29
CA LEU B 174 9.25 -5.41 16.24
C LEU B 174 9.00 -4.89 17.65
N THR B 175 8.55 -3.63 17.79
CA THR B 175 8.25 -3.05 19.12
C THR B 175 7.31 -3.96 19.92
N GLY B 176 6.24 -4.45 19.27
CA GLY B 176 5.26 -5.33 19.89
C GLY B 176 5.79 -6.68 20.30
N VAL B 177 6.75 -7.22 19.52
CA VAL B 177 7.38 -8.52 19.79
C VAL B 177 8.33 -8.40 21.01
N LEU B 178 9.06 -7.28 21.11
CA LEU B 178 10.02 -7.06 22.18
C LEU B 178 9.40 -6.56 23.49
N TYR B 179 8.11 -6.20 23.48
CA TYR B 179 7.43 -5.66 24.66
C TYR B 179 7.23 -6.73 25.74
N GLY B 180 7.65 -6.40 26.95
CA GLY B 180 7.57 -7.30 28.10
C GLY B 180 8.78 -8.22 28.15
N GLU B 181 9.60 -8.14 27.10
CA GLU B 181 10.85 -8.86 26.98
C GLU B 181 11.84 -7.84 27.47
N ASP B 182 13.00 -8.24 27.95
CA ASP B 182 13.90 -7.23 28.50
C ASP B 182 14.95 -6.81 27.48
N ILE B 183 14.48 -6.21 26.35
CA ILE B 183 15.35 -5.75 25.27
C ILE B 183 15.06 -4.31 24.94
N GLU B 184 16.09 -3.46 25.01
CA GLU B 184 15.99 -2.04 24.72
C GLU B 184 16.38 -1.76 23.25
N ILE B 185 15.58 -0.91 22.57
CA ILE B 185 15.90 -0.38 21.26
C ILE B 185 16.42 0.98 21.66
N SER B 186 17.73 1.12 21.79
CA SER B 186 18.37 2.36 22.24
C SER B 186 18.39 3.43 21.19
N ASP B 187 18.35 3.03 19.89
CA ASP B 187 18.42 3.99 18.79
C ASP B 187 17.68 3.46 17.57
N THR B 188 16.73 4.26 17.08
CA THR B 188 15.93 3.92 15.91
C THR B 188 16.33 4.87 14.81
N GLU B 189 16.82 4.33 13.69
CA GLU B 189 17.23 5.20 12.59
C GLU B 189 16.56 4.77 11.30
N SER B 190 16.20 5.74 10.47
CA SER B 190 15.52 5.47 9.21
C SER B 190 16.11 6.33 8.08
N PHE B 191 16.06 5.84 6.84
CA PHE B 191 16.62 6.54 5.69
C PHE B 191 15.75 6.28 4.47
N SER B 192 15.85 7.15 3.46
CA SER B 192 15.10 6.93 2.23
C SER B 192 16.06 6.43 1.15
N ASN B 193 17.05 7.24 0.75
CA ASN B 193 17.97 6.83 -0.30
C ASN B 193 19.44 6.81 0.11
N ASP B 194 19.77 7.37 1.28
CA ASP B 194 21.15 7.38 1.75
C ASP B 194 21.26 7.03 3.23
N PRO B 195 21.71 5.78 3.49
CA PRO B 195 21.82 5.29 4.86
C PRO B 195 23.00 5.83 5.67
N CYS B 196 24.00 6.44 4.99
CA CYS B 196 25.22 6.93 5.63
C CYS B 196 24.97 7.85 6.82
N THR B 197 24.05 8.81 6.70
CA THR B 197 23.70 9.69 7.84
C THR B 197 23.16 8.88 9.02
N SER B 198 22.27 7.92 8.74
CA SER B 198 21.69 7.05 9.77
C SER B 198 22.72 6.11 10.39
N VAL B 199 23.67 5.58 9.59
CA VAL B 199 24.73 4.68 10.08
C VAL B 199 25.66 5.47 11.04
N LYS B 200 25.97 6.71 10.67
CA LYS B 200 26.78 7.64 11.45
C LYS B 200 26.11 7.90 12.81
N LYS B 201 24.76 8.03 12.83
CA LYS B 201 24.01 8.26 14.07
C LYS B 201 24.03 7.03 14.98
N LEU B 202 23.92 5.81 14.39
CA LEU B 202 24.01 4.55 15.15
C LEU B 202 25.39 4.40 15.79
N LYS B 203 26.45 4.72 15.03
CA LYS B 203 27.83 4.67 15.52
C LYS B 203 28.00 5.62 16.73
N GLY B 204 27.53 6.86 16.56
CA GLY B 204 27.54 7.91 17.57
C GLY B 204 26.80 7.56 18.86
N ASN B 205 25.80 6.66 18.77
CA ASN B 205 25.03 6.21 19.94
C ASN B 205 25.58 4.90 20.52
N ASP B 206 26.73 4.44 20.01
CA ASP B 206 27.45 3.23 20.44
C ASP B 206 26.61 1.95 20.35
N VAL B 207 25.76 1.85 19.30
CA VAL B 207 24.95 0.67 19.02
C VAL B 207 25.92 -0.45 18.56
N ARG B 208 25.75 -1.66 19.09
CA ARG B 208 26.62 -2.77 18.69
C ARG B 208 25.87 -3.85 17.92
N ILE B 209 24.59 -4.08 18.29
CA ILE B 209 23.74 -5.09 17.64
C ILE B 209 22.73 -4.33 16.78
N ILE B 210 22.81 -4.50 15.46
CA ILE B 210 21.95 -3.75 14.52
C ILE B 210 20.91 -4.65 13.85
N LEU B 211 19.62 -4.28 13.95
CA LEU B 211 18.55 -5.00 13.27
C LEU B 211 18.16 -4.15 12.07
N GLY B 212 18.52 -4.64 10.89
CA GLY B 212 18.28 -3.94 9.63
C GLY B 212 17.04 -4.44 8.89
N GLN B 213 16.31 -3.52 8.28
CA GLN B 213 15.15 -3.82 7.44
C GLN B 213 15.23 -2.89 6.23
N PHE B 214 15.75 -3.42 5.14
CA PHE B 214 15.98 -2.66 3.92
C PHE B 214 16.13 -3.63 2.75
N ASP B 215 15.99 -3.10 1.53
CA ASP B 215 16.02 -3.93 0.34
C ASP B 215 17.43 -4.29 -0.08
N GLN B 216 17.54 -5.18 -1.05
CA GLN B 216 18.80 -5.68 -1.56
C GLN B 216 19.74 -4.57 -2.08
N ASN B 217 19.18 -3.61 -2.85
CA ASN B 217 19.95 -2.47 -3.36
C ASN B 217 20.55 -1.63 -2.22
N MET B 218 19.75 -1.36 -1.19
CA MET B 218 20.18 -0.54 -0.06
C MET B 218 21.20 -1.25 0.84
N ALA B 219 21.17 -2.59 0.86
CA ALA B 219 22.10 -3.36 1.68
C ALA B 219 23.57 -3.08 1.35
N ALA B 220 23.92 -3.02 0.05
CA ALA B 220 25.30 -2.72 -0.37
C ALA B 220 25.68 -1.31 0.12
N LYS B 221 24.75 -0.32 0.01
CA LYS B 221 25.01 1.04 0.52
C LYS B 221 25.20 1.04 2.02
N VAL B 222 24.36 0.29 2.77
CA VAL B 222 24.43 0.15 4.22
C VAL B 222 25.81 -0.40 4.64
N PHE B 223 26.24 -1.54 4.01
CA PHE B 223 27.53 -2.13 4.37
C PHE B 223 28.71 -1.25 3.95
N CYS B 224 28.54 -0.45 2.88
CA CYS B 224 29.58 0.50 2.49
C CYS B 224 29.70 1.62 3.54
N CYS B 225 28.56 2.11 4.07
CA CYS B 225 28.58 3.11 5.14
C CYS B 225 29.17 2.50 6.41
N ALA B 226 28.83 1.21 6.74
CA ALA B 226 29.38 0.54 7.93
C ALA B 226 30.91 0.43 7.81
N TYR B 227 31.41 0.12 6.62
CA TYR B 227 32.85 0.05 6.34
C TYR B 227 33.52 1.42 6.61
N GLU B 228 32.95 2.51 6.03
CA GLU B 228 33.46 3.88 6.19
C GLU B 228 33.47 4.31 7.64
N GLU B 229 32.49 3.84 8.44
CA GLU B 229 32.34 4.18 9.85
C GLU B 229 32.99 3.18 10.78
N ASN B 230 33.63 2.13 10.21
CA ASN B 230 34.27 1.02 10.97
C ASN B 230 33.29 0.33 11.92
N MET B 231 32.03 0.16 11.45
CA MET B 231 30.94 -0.47 12.17
C MET B 231 30.84 -1.94 11.76
N TYR B 232 31.94 -2.66 11.93
CA TYR B 232 32.03 -4.07 11.59
C TYR B 232 33.17 -4.72 12.39
N GLY B 233 33.25 -6.04 12.32
CA GLY B 233 34.27 -6.80 13.03
C GLY B 233 33.75 -7.38 14.32
N SER B 234 34.69 -7.78 15.19
CA SER B 234 34.43 -8.47 16.46
C SER B 234 33.47 -7.75 17.40
N LYS B 235 33.38 -6.41 17.30
CA LYS B 235 32.52 -5.62 18.19
C LYS B 235 31.07 -5.48 17.69
N TYR B 236 30.78 -5.87 16.43
CA TYR B 236 29.46 -5.65 15.85
C TYR B 236 28.74 -6.87 15.33
N GLN B 237 27.40 -6.83 15.41
CA GLN B 237 26.55 -7.86 14.84
C GLN B 237 25.41 -7.22 14.08
N TRP B 238 25.39 -7.42 12.76
CA TRP B 238 24.33 -6.97 11.86
C TRP B 238 23.38 -8.16 11.66
N ILE B 239 22.06 -7.94 11.79
CA ILE B 239 21.03 -8.97 11.60
C ILE B 239 20.09 -8.33 10.58
N ILE B 240 20.09 -8.83 9.36
CA ILE B 240 19.34 -8.20 8.25
C ILE B 240 18.39 -9.20 7.52
N PRO B 241 17.58 -8.78 6.51
CA PRO B 241 16.72 -9.77 5.82
C PRO B 241 17.59 -10.80 5.06
N GLY B 242 17.14 -12.04 5.02
CA GLY B 242 17.86 -13.14 4.38
C GLY B 242 17.27 -13.53 3.03
N TRP B 243 16.31 -12.74 2.52
CA TRP B 243 15.63 -13.09 1.26
C TRP B 243 16.27 -12.55 -0.01
N TYR B 244 17.46 -11.91 0.10
CA TYR B 244 18.14 -11.36 -1.08
C TYR B 244 18.56 -12.50 -2.03
N GLU B 245 18.80 -12.17 -3.31
CA GLU B 245 19.23 -13.15 -4.31
C GLU B 245 20.58 -13.74 -3.89
N PRO B 246 20.87 -15.04 -4.18
CA PRO B 246 22.19 -15.58 -3.81
C PRO B 246 23.25 -14.79 -4.57
N SER B 247 24.37 -14.48 -3.90
CA SER B 247 25.48 -13.69 -4.46
C SER B 247 25.02 -12.29 -4.89
N TRP B 248 24.07 -11.69 -4.11
CA TRP B 248 23.52 -10.36 -4.36
C TRP B 248 24.59 -9.29 -4.37
N TRP B 249 25.66 -9.51 -3.57
CA TRP B 249 26.80 -8.60 -3.46
C TRP B 249 27.63 -8.56 -4.76
N GLU B 250 27.73 -9.71 -5.49
CA GLU B 250 28.47 -9.85 -6.75
C GLU B 250 27.53 -9.99 -7.96
N CYS B 261 32.07 1.55 -2.60
CA CYS B 261 32.99 0.60 -1.97
C CYS B 261 33.56 -0.39 -2.94
N LEU B 262 34.85 -0.70 -2.78
CA LEU B 262 35.46 -1.77 -3.56
C LEU B 262 34.91 -3.06 -2.98
N ARG B 263 34.78 -4.10 -3.81
CA ARG B 263 34.28 -5.41 -3.37
C ARG B 263 34.98 -5.90 -2.10
N LYS B 264 36.33 -5.81 -2.01
CA LYS B 264 37.03 -6.31 -0.81
C LYS B 264 36.59 -5.58 0.46
N ASN B 265 36.37 -4.27 0.37
CA ASN B 265 35.98 -3.46 1.53
C ASN B 265 34.55 -3.77 1.93
N LEU B 266 33.67 -4.00 0.94
CA LEU B 266 32.30 -4.39 1.16
C LEU B 266 32.27 -5.75 1.91
N LEU B 267 33.09 -6.71 1.43
CA LEU B 267 33.22 -8.05 2.05
C LEU B 267 33.74 -8.00 3.48
N ALA B 268 34.69 -7.10 3.78
CA ALA B 268 35.19 -6.96 5.16
C ALA B 268 34.05 -6.52 6.11
N ALA B 269 33.21 -5.54 5.67
CA ALA B 269 32.09 -5.05 6.49
C ALA B 269 30.95 -6.08 6.62
N MET B 270 30.75 -6.92 5.61
CA MET B 270 29.67 -7.92 5.58
C MET B 270 29.98 -9.15 6.42
N GLU B 271 31.27 -9.44 6.65
CA GLU B 271 31.70 -10.63 7.36
C GLU B 271 30.93 -10.85 8.65
N GLY B 272 30.32 -12.03 8.75
CA GLY B 272 29.55 -12.46 9.91
C GLY B 272 28.13 -11.93 10.03
N TYR B 273 27.62 -11.16 9.03
CA TYR B 273 26.24 -10.70 9.17
C TYR B 273 25.31 -11.92 9.18
N ILE B 274 24.21 -11.80 9.94
CA ILE B 274 23.18 -12.83 10.03
C ILE B 274 21.96 -12.43 9.17
N GLY B 275 21.56 -13.33 8.28
CA GLY B 275 20.37 -13.17 7.45
C GLY B 275 19.23 -13.98 8.03
N VAL B 276 18.00 -13.46 7.93
CA VAL B 276 16.81 -14.13 8.47
C VAL B 276 15.74 -14.24 7.38
N ASP B 277 15.25 -15.46 7.10
CA ASP B 277 14.22 -15.68 6.06
C ASP B 277 13.43 -16.93 6.40
N PHE B 278 12.40 -17.28 5.61
CA PHE B 278 11.69 -18.53 5.86
C PHE B 278 12.59 -19.72 5.47
N GLU B 279 12.31 -20.89 6.03
CA GLU B 279 13.02 -22.14 5.74
C GLU B 279 12.30 -22.81 4.53
N PRO B 280 12.97 -23.05 3.37
CA PRO B 280 12.26 -23.61 2.21
C PRO B 280 11.58 -24.96 2.43
N LEU B 281 12.25 -25.91 3.12
CA LEU B 281 11.69 -27.25 3.42
C LEU B 281 12.06 -27.66 4.84
N SER B 282 11.24 -28.52 5.46
CA SER B 282 11.49 -29.01 6.82
C SER B 282 12.76 -29.89 6.84
N SER B 283 13.54 -29.76 7.92
CA SER B 283 14.77 -30.53 8.21
C SER B 283 14.43 -31.87 8.88
N LYS B 284 13.18 -32.02 9.38
CA LYS B 284 12.71 -33.24 10.03
C LYS B 284 12.44 -34.35 9.05
N GLN B 285 12.88 -35.57 9.40
CA GLN B 285 12.72 -36.77 8.57
C GLN B 285 11.46 -37.55 8.99
N ILE B 286 10.35 -36.83 9.20
CA ILE B 286 9.05 -37.39 9.60
C ILE B 286 8.16 -37.48 8.36
N LYS B 287 7.26 -38.47 8.35
CA LYS B 287 6.29 -38.67 7.27
C LYS B 287 5.25 -37.54 7.36
N THR B 288 5.05 -36.84 6.25
CA THR B 288 4.10 -35.74 6.14
C THR B 288 2.72 -36.33 5.73
N ILE B 289 1.68 -35.49 5.59
CA ILE B 289 0.33 -35.90 5.18
C ILE B 289 0.32 -36.76 3.90
N SER B 290 1.27 -36.54 2.97
CA SER B 290 1.35 -37.34 1.74
C SER B 290 1.92 -38.75 1.97
N GLY B 291 2.43 -39.01 3.17
CA GLY B 291 3.07 -40.28 3.52
C GLY B 291 4.54 -40.28 3.15
N LYS B 292 5.04 -39.16 2.61
CA LYS B 292 6.42 -38.98 2.18
C LYS B 292 7.12 -38.03 3.12
N THR B 293 8.42 -38.22 3.35
CA THR B 293 9.19 -37.32 4.19
C THR B 293 9.56 -36.09 3.31
N PRO B 294 9.96 -34.94 3.90
CA PRO B 294 10.34 -33.78 3.07
C PRO B 294 11.46 -34.07 2.08
N GLN B 295 12.41 -34.96 2.47
CA GLN B 295 13.56 -35.39 1.67
C GLN B 295 13.11 -36.19 0.43
N GLN B 296 12.14 -37.11 0.61
CA GLN B 296 11.57 -37.93 -0.47
C GLN B 296 10.77 -37.05 -1.42
N TYR B 297 10.03 -36.07 -0.86
CA TYR B 297 9.30 -35.12 -1.68
C TYR B 297 10.29 -34.31 -2.54
N GLU B 298 11.38 -33.78 -1.92
CA GLU B 298 12.39 -32.96 -2.62
C GLU B 298 12.97 -33.67 -3.85
N ARG B 299 13.30 -34.98 -3.71
CA ARG B 299 13.81 -35.80 -4.82
C ARG B 299 12.75 -35.99 -5.90
N GLU B 300 11.48 -36.28 -5.52
CA GLU B 300 10.40 -36.43 -6.51
C GLU B 300 10.16 -35.12 -7.24
N TYR B 301 10.30 -33.97 -6.52
CA TYR B 301 10.15 -32.65 -7.14
C TYR B 301 11.26 -32.43 -8.18
N ASN B 302 12.53 -32.67 -7.81
CA ASN B 302 13.63 -32.50 -8.78
C ASN B 302 13.51 -33.45 -9.98
N ASN B 303 12.94 -34.67 -9.79
CA ASN B 303 12.70 -35.62 -10.89
C ASN B 303 11.58 -35.17 -11.85
N LYS B 304 10.48 -34.59 -11.30
CA LYS B 304 9.33 -34.12 -12.08
C LYS B 304 9.62 -32.86 -12.91
N ARG B 305 10.34 -31.87 -12.35
CA ARG B 305 10.65 -30.64 -13.10
C ARG B 305 11.58 -30.92 -14.28
N SER B 306 11.30 -30.34 -15.47
CA SER B 306 12.04 -30.70 -16.70
C SER B 306 12.75 -29.56 -17.47
N GLY B 307 12.01 -28.50 -17.78
CA GLY B 307 12.51 -27.35 -18.55
C GLY B 307 12.44 -26.09 -17.72
N VAL B 308 12.71 -26.25 -16.41
CA VAL B 308 12.63 -25.17 -15.45
C VAL B 308 13.60 -25.35 -14.30
N GLY B 309 14.09 -24.22 -13.79
CA GLY B 309 14.96 -24.16 -12.62
C GLY B 309 14.13 -24.32 -11.36
N PRO B 310 14.74 -24.74 -10.23
CA PRO B 310 13.94 -24.91 -9.00
C PRO B 310 13.46 -23.57 -8.42
N SER B 311 12.34 -23.57 -7.67
CA SER B 311 11.86 -22.36 -7.00
C SER B 311 11.88 -22.61 -5.50
N LYS B 312 12.41 -21.65 -4.70
CA LYS B 312 12.45 -21.79 -3.23
C LYS B 312 11.04 -21.91 -2.57
N PHE B 313 9.96 -21.57 -3.32
CA PHE B 313 8.58 -21.61 -2.81
C PHE B 313 7.86 -22.95 -3.20
N HIS B 314 8.57 -23.89 -3.87
CA HIS B 314 7.95 -25.14 -4.36
C HIS B 314 7.29 -25.96 -3.23
N GLY B 315 7.92 -26.03 -2.06
CA GLY B 315 7.35 -26.74 -0.91
C GLY B 315 6.08 -26.08 -0.39
N TYR B 316 6.08 -24.74 -0.38
CA TYR B 316 4.93 -23.91 0.06
C TYR B 316 3.76 -24.07 -0.90
N ALA B 317 4.04 -24.19 -2.20
CA ALA B 317 3.03 -24.43 -3.24
C ALA B 317 2.47 -25.86 -3.09
N TYR B 318 3.36 -26.86 -2.86
CA TYR B 318 2.95 -28.26 -2.65
C TYR B 318 1.99 -28.39 -1.45
N ASP B 319 2.38 -27.86 -0.27
CA ASP B 319 1.58 -27.84 0.94
C ASP B 319 0.29 -27.01 0.73
N GLY B 320 0.40 -25.94 -0.06
CA GLY B 320 -0.72 -25.06 -0.43
C GLY B 320 -1.82 -25.85 -1.12
N ILE B 321 -1.46 -26.78 -2.02
CA ILE B 321 -2.48 -27.65 -2.66
C ILE B 321 -3.12 -28.57 -1.61
N TRP B 322 -2.30 -29.11 -0.67
CA TRP B 322 -2.85 -29.96 0.40
C TRP B 322 -3.83 -29.16 1.29
N VAL B 323 -3.51 -27.88 1.57
CA VAL B 323 -4.39 -26.97 2.34
C VAL B 323 -5.74 -26.85 1.65
N ILE B 324 -5.73 -26.61 0.33
CA ILE B 324 -6.97 -26.48 -0.47
C ILE B 324 -7.80 -27.80 -0.42
N ALA B 325 -7.14 -28.95 -0.63
CA ALA B 325 -7.81 -30.25 -0.58
C ALA B 325 -8.42 -30.52 0.78
N LYS B 326 -7.67 -30.26 1.88
CA LYS B 326 -8.20 -30.48 3.23
C LYS B 326 -9.36 -29.54 3.53
N THR B 327 -9.27 -28.27 3.06
CA THR B 327 -10.32 -27.26 3.23
C THR B 327 -11.60 -27.72 2.53
N LEU B 328 -11.47 -28.20 1.28
CA LEU B 328 -12.62 -28.69 0.50
C LEU B 328 -13.23 -29.91 1.17
N GLN B 329 -12.41 -30.85 1.65
CA GLN B 329 -12.89 -32.03 2.38
C GLN B 329 -13.72 -31.56 3.59
N ARG B 330 -13.17 -30.62 4.39
CA ARG B 330 -13.90 -30.11 5.55
C ARG B 330 -15.22 -29.39 5.12
N ALA B 331 -15.18 -28.59 4.03
CA ALA B 331 -16.35 -27.86 3.51
C ALA B 331 -17.47 -28.84 3.12
N MET B 332 -17.15 -30.11 2.89
CA MET B 332 -18.13 -31.14 2.52
C MET B 332 -18.56 -32.05 3.67
N GLU B 333 -17.99 -31.88 4.87
CA GLU B 333 -18.28 -32.73 6.04
C GLU B 333 -19.53 -32.30 6.78
N THR B 334 -20.68 -32.80 6.31
CA THR B 334 -21.97 -32.48 6.94
C THR B 334 -22.94 -33.58 6.61
N LEU B 335 -23.88 -33.86 7.51
CA LEU B 335 -24.94 -34.81 7.20
C LEU B 335 -25.99 -34.15 6.27
N HIS B 336 -25.90 -32.81 6.08
CA HIS B 336 -26.78 -32.11 5.10
C HIS B 336 -26.04 -32.19 3.75
N ALA B 337 -25.64 -33.42 3.35
CA ALA B 337 -24.81 -33.74 2.20
C ALA B 337 -25.34 -33.27 0.84
N SER B 338 -26.57 -33.64 0.47
CA SER B 338 -27.13 -33.22 -0.84
C SER B 338 -27.24 -31.70 -0.96
N SER B 339 -27.63 -31.03 0.15
CA SER B 339 -27.77 -29.57 0.12
C SER B 339 -26.38 -28.91 -0.03
N ARG B 340 -25.41 -29.41 0.71
CA ARG B 340 -24.03 -28.87 0.64
C ARG B 340 -23.42 -29.06 -0.76
N HIS B 341 -23.63 -30.24 -1.37
CA HIS B 341 -23.13 -30.52 -2.72
C HIS B 341 -23.84 -29.61 -3.73
N GLN B 342 -25.14 -29.35 -3.53
CA GLN B 342 -25.91 -28.49 -4.43
C GLN B 342 -25.41 -27.04 -4.29
N ARG B 343 -25.17 -26.57 -3.06
CA ARG B 343 -24.66 -25.22 -2.81
C ARG B 343 -23.31 -25.03 -3.55
N ILE B 344 -22.43 -26.05 -3.49
CA ILE B 344 -21.10 -26.04 -4.15
C ILE B 344 -21.26 -25.94 -5.68
N GLN B 345 -22.15 -26.77 -6.25
CA GLN B 345 -22.50 -26.78 -7.69
C GLN B 345 -23.08 -25.44 -8.12
N ASP B 346 -23.91 -24.81 -7.29
CA ASP B 346 -24.56 -23.56 -7.59
C ASP B 346 -23.65 -22.32 -7.45
N PHE B 347 -22.47 -22.46 -6.81
CA PHE B 347 -21.65 -21.28 -6.51
C PHE B 347 -21.36 -20.43 -7.72
N ASN B 348 -21.69 -19.16 -7.61
CA ASN B 348 -21.46 -18.18 -8.66
C ASN B 348 -21.01 -16.86 -8.06
N TYR B 349 -20.08 -16.92 -7.06
CA TYR B 349 -19.46 -15.77 -6.39
C TYR B 349 -20.37 -14.93 -5.50
N THR B 350 -21.67 -15.21 -5.47
CA THR B 350 -22.62 -14.41 -4.68
C THR B 350 -23.03 -15.00 -3.33
N ASP B 351 -22.70 -16.26 -3.09
CA ASP B 351 -23.09 -16.95 -1.86
C ASP B 351 -22.14 -16.70 -0.70
N HIS B 352 -22.53 -15.79 0.19
CA HIS B 352 -21.78 -15.42 1.39
C HIS B 352 -21.62 -16.62 2.32
N THR B 353 -22.65 -17.48 2.40
CA THR B 353 -22.61 -18.67 3.25
C THR B 353 -21.51 -19.63 2.84
N LEU B 354 -21.37 -19.94 1.54
CA LEU B 354 -20.32 -20.85 1.12
C LEU B 354 -18.92 -20.28 1.34
N GLY B 355 -18.75 -18.97 1.11
CA GLY B 355 -17.48 -18.30 1.33
C GLY B 355 -17.11 -18.44 2.79
N ARG B 356 -18.09 -18.28 3.71
CA ARG B 356 -17.90 -18.41 5.16
C ARG B 356 -17.54 -19.85 5.53
N ILE B 357 -18.20 -20.85 4.91
CA ILE B 357 -17.92 -22.29 5.16
C ILE B 357 -16.45 -22.57 4.77
N ILE B 358 -16.04 -22.08 3.60
CA ILE B 358 -14.67 -22.31 3.11
C ILE B 358 -13.66 -21.59 4.01
N LEU B 359 -13.95 -20.33 4.35
CA LEU B 359 -13.06 -19.54 5.22
C LEU B 359 -12.85 -20.23 6.58
N ASN B 360 -13.95 -20.71 7.20
CA ASN B 360 -13.87 -21.42 8.47
C ASN B 360 -13.10 -22.72 8.36
N ALA B 361 -13.28 -23.48 7.26
CA ALA B 361 -12.58 -24.74 7.03
C ALA B 361 -11.07 -24.49 6.92
N MET B 362 -10.65 -23.46 6.16
CA MET B 362 -9.22 -23.15 5.99
C MET B 362 -8.59 -22.73 7.32
N ASN B 363 -9.35 -21.99 8.11
CA ASN B 363 -8.92 -21.55 9.44
C ASN B 363 -8.60 -22.74 10.38
N GLU B 364 -9.22 -23.91 10.13
CA GLU B 364 -9.00 -25.13 10.95
C GLU B 364 -7.80 -25.94 10.47
N THR B 365 -7.12 -25.53 9.39
CA THR B 365 -5.97 -26.28 8.85
C THR B 365 -4.96 -26.64 9.94
N ASN B 366 -4.50 -27.89 9.95
CA ASN B 366 -3.51 -28.37 10.92
C ASN B 366 -3.03 -29.76 10.55
N PHE B 367 -1.95 -29.80 9.75
CA PHE B 367 -1.33 -31.05 9.31
C PHE B 367 0.16 -30.85 9.16
N PHE B 368 0.90 -31.94 9.03
CA PHE B 368 2.34 -31.89 8.84
C PHE B 368 2.66 -31.92 7.36
N GLY B 369 3.19 -30.80 6.85
CA GLY B 369 3.53 -30.65 5.45
C GLY B 369 5.01 -30.78 5.21
N VAL B 370 5.44 -30.62 3.95
CA VAL B 370 6.87 -30.71 3.58
C VAL B 370 7.65 -29.49 4.11
N THR B 371 6.93 -28.40 4.47
CA THR B 371 7.52 -27.19 5.02
C THR B 371 7.32 -27.18 6.55
N GLY B 372 6.93 -28.31 7.11
CA GLY B 372 6.70 -28.41 8.55
C GLY B 372 5.23 -28.33 8.89
N GLN B 373 4.91 -28.24 10.18
CA GLN B 373 3.51 -28.18 10.61
C GLN B 373 2.81 -26.97 9.95
N VAL B 374 1.77 -27.24 9.16
CA VAL B 374 0.99 -26.24 8.44
C VAL B 374 -0.21 -25.84 9.30
N VAL B 375 -0.15 -24.64 9.90
CA VAL B 375 -1.20 -24.11 10.75
C VAL B 375 -1.20 -22.58 10.57
N PHE B 376 -2.38 -21.95 10.67
CA PHE B 376 -2.49 -20.49 10.50
C PHE B 376 -2.88 -19.82 11.80
N ARG B 377 -2.46 -18.55 11.95
CA ARG B 377 -2.86 -17.69 13.05
C ARG B 377 -3.34 -16.44 12.36
N ASN B 378 -4.67 -16.21 12.37
CA ASN B 378 -5.27 -15.06 11.68
C ASN B 378 -4.80 -14.91 10.22
N GLY B 379 -4.82 -16.04 9.50
CA GLY B 379 -4.48 -16.14 8.09
C GLY B 379 -2.98 -16.19 7.81
N GLU B 380 -2.15 -16.01 8.84
CA GLU B 380 -0.67 -16.01 8.71
C GLU B 380 -0.10 -17.36 9.05
N ARG B 381 0.89 -17.79 8.27
CA ARG B 381 1.52 -19.08 8.52
C ARG B 381 2.35 -19.07 9.79
N MET B 382 2.14 -20.09 10.67
CA MET B 382 3.02 -20.36 11.81
C MET B 382 3.97 -21.42 11.23
N GLY B 383 5.20 -21.01 10.93
CA GLY B 383 6.15 -21.87 10.27
C GLY B 383 7.57 -21.82 10.81
N THR B 384 8.54 -22.12 9.94
CA THR B 384 9.95 -22.17 10.29
C THR B 384 10.74 -21.05 9.61
N ILE B 385 11.58 -20.40 10.43
CA ILE B 385 12.49 -19.32 10.05
C ILE B 385 13.94 -19.87 10.09
N LYS B 386 14.71 -19.58 9.04
CA LYS B 386 16.10 -20.01 8.85
C LYS B 386 17.03 -18.83 9.09
N PHE B 387 18.12 -19.07 9.84
CA PHE B 387 19.18 -18.11 10.07
C PHE B 387 20.38 -18.52 9.23
N THR B 388 20.99 -17.57 8.57
CA THR B 388 22.21 -17.77 7.82
C THR B 388 23.26 -16.80 8.35
N GLN B 389 24.53 -17.08 8.09
CA GLN B 389 25.58 -16.16 8.45
C GLN B 389 26.53 -16.04 7.23
N PHE B 390 26.92 -14.82 6.90
CA PHE B 390 27.84 -14.58 5.82
C PHE B 390 29.24 -14.96 6.28
N GLN B 391 29.85 -15.94 5.61
CA GLN B 391 31.18 -16.41 5.98
C GLN B 391 32.00 -16.55 4.70
N ASP B 392 32.85 -15.56 4.35
CA ASP B 392 33.70 -15.60 3.13
C ASP B 392 32.98 -15.84 1.84
N SER B 393 32.08 -14.91 1.45
CA SER B 393 31.32 -14.95 0.20
C SER B 393 30.36 -16.15 0.09
N ARG B 394 29.99 -16.74 1.23
CA ARG B 394 29.01 -17.82 1.29
C ARG B 394 28.06 -17.60 2.46
N GLU B 395 26.77 -17.84 2.22
CA GLU B 395 25.77 -17.75 3.28
C GLU B 395 25.60 -19.16 3.84
N VAL B 396 26.03 -19.36 5.09
CA VAL B 396 26.00 -20.65 5.77
C VAL B 396 24.76 -20.72 6.66
N LYS B 397 23.97 -21.80 6.56
CA LYS B 397 22.81 -21.96 7.43
C LYS B 397 23.35 -22.19 8.86
N VAL B 398 22.83 -21.44 9.85
CA VAL B 398 23.32 -21.54 11.24
C VAL B 398 22.24 -21.87 12.27
N GLY B 399 20.98 -21.82 11.86
CA GLY B 399 19.90 -22.09 12.79
C GLY B 399 18.53 -22.08 12.18
N GLU B 400 17.55 -22.50 12.98
CA GLU B 400 16.13 -22.59 12.65
C GLU B 400 15.34 -22.20 13.86
N TYR B 401 14.27 -21.47 13.64
CA TYR B 401 13.34 -21.09 14.67
C TYR B 401 11.96 -21.65 14.28
N ASN B 402 11.30 -22.32 15.21
CA ASN B 402 10.00 -22.91 14.92
C ASN B 402 8.96 -22.08 15.67
N ALA B 403 8.03 -21.41 14.94
CA ALA B 403 7.05 -20.51 15.55
C ALA B 403 6.02 -21.17 16.46
N VAL B 404 5.54 -22.38 16.10
CA VAL B 404 4.55 -23.10 16.93
C VAL B 404 5.12 -23.40 18.30
N ALA B 405 6.34 -23.95 18.35
CA ALA B 405 7.02 -24.28 19.60
C ALA B 405 7.72 -23.07 20.23
N ASP B 406 7.95 -21.99 19.44
CA ASP B 406 8.66 -20.78 19.88
C ASP B 406 10.08 -21.18 20.37
N THR B 407 10.72 -22.07 19.62
CA THR B 407 12.04 -22.57 19.96
C THR B 407 13.06 -22.28 18.87
N LEU B 408 14.29 -21.98 19.30
CA LEU B 408 15.45 -21.72 18.44
C LEU B 408 16.46 -22.87 18.61
N GLU B 409 16.94 -23.40 17.49
CA GLU B 409 17.96 -24.44 17.45
C GLU B 409 19.12 -23.85 16.66
N ILE B 410 20.28 -23.64 17.32
CA ILE B 410 21.49 -23.12 16.68
C ILE B 410 22.32 -24.34 16.27
N ILE B 411 22.70 -24.43 14.98
CA ILE B 411 23.51 -25.56 14.48
C ILE B 411 24.92 -25.51 15.09
N ASN B 412 25.32 -26.62 15.74
CA ASN B 412 26.66 -26.74 16.33
C ASN B 412 27.73 -26.58 15.23
N ASP B 413 28.82 -25.85 15.56
CA ASP B 413 29.99 -25.62 14.69
C ASP B 413 29.68 -25.01 13.32
N THR B 414 28.83 -23.96 13.31
CA THR B 414 28.51 -23.25 12.08
C THR B 414 28.71 -21.77 12.32
N ILE B 415 27.89 -21.18 13.22
CA ILE B 415 27.94 -19.76 13.54
C ILE B 415 29.30 -19.41 14.15
N ARG B 416 29.92 -18.36 13.64
CA ARG B 416 31.24 -17.95 14.12
C ARG B 416 31.30 -16.45 14.39
N PHE B 417 32.19 -16.07 15.31
CA PHE B 417 32.40 -14.67 15.68
C PHE B 417 33.88 -14.35 15.53
N GLN B 418 34.18 -13.17 14.97
CA GLN B 418 35.54 -12.70 14.67
C GLN B 418 36.39 -12.54 15.94
N GLY B 419 35.73 -12.29 17.07
CA GLY B 419 36.39 -12.18 18.37
C GLY B 419 36.47 -13.51 19.09
N SER B 420 37.07 -13.51 20.30
CA SER B 420 37.21 -14.71 21.13
C SER B 420 35.84 -15.14 21.69
N GLU B 421 34.89 -14.19 21.74
CA GLU B 421 33.52 -14.36 22.23
C GLU B 421 32.52 -13.62 21.31
N PRO B 422 31.19 -13.90 21.37
CA PRO B 422 30.23 -13.07 20.59
C PRO B 422 30.32 -11.59 21.05
N PRO B 423 29.96 -10.59 20.22
CA PRO B 423 30.05 -9.19 20.70
C PRO B 423 29.14 -8.90 21.89
N LYS B 424 29.53 -7.93 22.72
CA LYS B 424 28.73 -7.46 23.85
C LYS B 424 27.79 -6.39 23.31
N ASP B 425 26.59 -6.25 23.89
CA ASP B 425 25.60 -5.26 23.42
C ASP B 425 25.97 -3.80 23.79
N ASP B 426 27.07 -3.61 24.57
CA ASP B 426 27.57 -2.30 25.00
C ASP B 426 29.11 -2.32 24.99
CL 2C0 C . -5.27 14.06 3.53
C8 2C0 C . -6.01 14.25 1.93
C7 2C0 C . -7.41 14.20 1.79
C6 2C0 C . -7.95 14.35 0.51
C9 2C0 C . -5.17 14.36 0.83
C10 2C0 C . -5.71 14.52 -0.45
C5 2C0 C . -7.12 14.52 -0.60
C2 2C0 C . -7.66 14.59 -1.98
C1 2C0 C . -8.85 15.57 -2.09
N 2C0 C . -8.36 16.96 -1.95
C3 2C0 C . -8.18 13.16 -2.34
C4 2C0 C . -7.09 12.15 -2.67
O2 2C0 C . -6.05 12.46 -3.26
O1 2C0 C . -7.32 10.87 -2.36
C1 NAG D . -10.12 -19.78 13.69
C2 NAG D . -11.40 -19.64 14.52
C3 NAG D . -11.06 -19.25 15.96
C4 NAG D . -10.02 -20.19 16.55
C5 NAG D . -8.80 -20.26 15.63
C6 NAG D . -7.71 -21.21 16.11
C7 NAG D . -13.57 -18.74 13.74
C8 NAG D . -14.16 -20.10 13.95
N2 NAG D . -12.23 -18.64 13.89
O3 NAG D . -12.25 -19.29 16.75
O4 NAG D . -9.64 -19.75 17.85
O5 NAG D . -9.21 -20.69 14.32
O6 NAG D . -8.16 -22.56 16.22
O7 NAG D . -14.26 -17.77 13.42
#